data_9EJ6
#
_entry.id   9EJ6
#
_cell.length_a   44.903
_cell.length_b   120.204
_cell.length_c   60.984
_cell.angle_alpha   90.00
_cell.angle_beta   111.49
_cell.angle_gamma   90.00
#
_symmetry.space_group_name_H-M   'P 1 21 1'
#
loop_
_entity.id
_entity.type
_entity.pdbx_description
1 polymer 'Phosphoenolpyruvate carboxykinase, cytosolic [GTP]'
2 non-polymer 'MANGANESE (II) ION'
3 non-polymer SULFOPYRUVATE
4 non-polymer "GUANOSINE-5'-TRIPHOSPHATE"
5 water water
#
_entity_poly.entity_id   1
_entity_poly.type   'polypeptide(L)'
_entity_poly.pdbx_seq_one_letter_code
;PQLHNGLDFSAKVIQGSLDSLPQEVRKFVEGNAQLCQPEYIHICDGSEEEYGRLLAHMQEEGVIRKLKKYDNCWLALTDP
RDVARIESKTVIITQEQRDTVPIPKSGQSQLGRWMSEEDFEKAFNARFPGCMKGRTMYVIPFSMGPLGSPLAKIGIELTD
SPYVVASMRIMTRMGTSVLEALGDGEFIKCLHSVGCPLPLKKPLVNNWACNPELTLIAHLPDRREIISFGSGYGGNSLLG
KKCFALRIASRLAKEEGWLAEHMLILGITNPEGKKKYLAAAFPSACGKTNLAMMNPTLPGWKVECVGDDIAWMKFDAQGN
LRAINPENGFFGVAPGTSVKTNPNAIKTIQKNTIFTNVAETSDGGVYWEGIDEPLAPGVTITSWKNKEWRPQDEEPCAHP
NSRFCTPASQCPIIDPAWESPEGVPIEGIIFGGRRPAGVPLVYEALSWQHGVFVGAAMRSEATAAAEHKGKVIMHDPFAM
RPFFGYNFGKYLAHWLSMAHRPAAKLPKIFHVNWFRKDKNGKFLWPGFGENSRVLEWMFGRIEGEDSAKLTPIGYVPKED
ALNLKGLGDVNVEELFGISKEFWEKEVEEIDKYLEDQVNADLPYEIERELRALKQRISQM
;
_entity_poly.pdbx_strand_id   A
#
loop_
_chem_comp.id
_chem_comp.type
_chem_comp.name
_chem_comp.formula
GTP non-polymer GUANOSINE-5'-TRIPHOSPHATE 'C10 H16 N5 O14 P3'
MN non-polymer 'MANGANESE (II) ION' 'Mn 2'
SPV non-polymer SULFOPYRUVATE 'C3 H4 O6 S'
#
# COMPACT_ATOMS: atom_id res chain seq x y z
N PRO A 1 14.38 27.48 -28.62
CA PRO A 1 14.19 28.11 -29.93
C PRO A 1 13.10 27.43 -30.74
N GLN A 2 12.59 28.12 -31.77
CA GLN A 2 11.56 27.57 -32.65
C GLN A 2 11.43 28.48 -33.86
N LEU A 3 10.82 27.94 -34.92
CA LEU A 3 10.56 28.72 -36.12
C LEU A 3 9.17 29.35 -36.13
N HIS A 4 8.23 28.81 -35.36
CA HIS A 4 6.89 29.37 -35.27
C HIS A 4 6.51 29.60 -33.81
N ASN A 5 5.38 29.05 -33.39
CA ASN A 5 4.91 29.18 -32.01
C ASN A 5 4.20 27.93 -31.53
N GLY A 6 4.56 26.77 -32.07
CA GLY A 6 3.93 25.52 -31.71
C GLY A 6 4.59 24.76 -30.58
N LEU A 7 5.68 25.28 -30.03
CA LEU A 7 6.41 24.59 -28.97
C LEU A 7 6.45 25.35 -27.65
N ASP A 8 6.14 26.65 -27.65
CA ASP A 8 6.18 27.46 -26.44
C ASP A 8 4.79 27.47 -25.83
N PHE A 9 4.62 26.71 -24.74
CA PHE A 9 3.35 26.63 -24.02
C PHE A 9 3.24 27.67 -22.91
N SER A 10 4.02 28.74 -22.96
CA SER A 10 3.95 29.77 -21.93
C SER A 10 2.60 30.47 -21.93
N ALA A 11 1.95 30.55 -23.09
CA ALA A 11 0.65 31.21 -23.20
C ALA A 11 -0.50 30.37 -22.66
N LYS A 12 -0.24 29.13 -22.24
CA LYS A 12 -1.27 28.26 -21.70
C LYS A 12 -1.12 28.00 -20.21
N VAL A 13 -0.17 28.67 -19.55
CA VAL A 13 0.08 28.47 -18.13
C VAL A 13 -0.86 29.37 -17.33
N ILE A 14 -1.74 28.77 -16.55
CA ILE A 14 -2.68 29.52 -15.72
C ILE A 14 -2.20 29.68 -14.28
N GLN A 15 -1.14 28.97 -13.87
CA GLN A 15 -0.53 29.18 -12.57
C GLN A 15 0.91 28.71 -12.64
N GLY A 16 1.83 29.57 -12.22
CA GLY A 16 3.24 29.27 -12.26
C GLY A 16 3.92 29.88 -13.47
N SER A 17 5.16 29.44 -13.69
CA SER A 17 5.97 29.93 -14.79
C SER A 17 6.92 28.83 -15.25
N LEU A 18 6.86 28.50 -16.54
CA LEU A 18 7.83 27.55 -17.09
C LEU A 18 9.25 28.10 -17.04
N ASP A 19 9.39 29.43 -17.05
CA ASP A 19 10.71 30.03 -16.97
C ASP A 19 11.39 29.76 -15.63
N SER A 20 10.61 29.64 -14.55
CA SER A 20 11.16 29.40 -13.22
C SER A 20 11.39 27.92 -12.93
N LEU A 21 10.92 27.03 -13.79
CA LEU A 21 11.14 25.60 -13.57
C LEU A 21 12.58 25.23 -13.92
N PRO A 22 13.13 24.21 -13.26
CA PRO A 22 14.42 23.68 -13.67
C PRO A 22 14.37 23.17 -15.11
N GLN A 23 15.53 23.20 -15.77
CA GLN A 23 15.57 22.90 -17.20
C GLN A 23 15.03 21.51 -17.49
N GLU A 24 15.52 20.49 -16.77
CA GLU A 24 15.03 19.13 -16.99
C GLU A 24 13.57 19.00 -16.61
N VAL A 25 13.09 19.80 -15.65
CA VAL A 25 11.68 19.77 -15.30
C VAL A 25 10.83 20.37 -16.42
N ARG A 26 11.30 21.47 -17.01
CA ARG A 26 10.54 22.10 -18.08
C ARG A 26 10.51 21.22 -19.33
N LYS A 27 11.60 20.53 -19.63
CA LYS A 27 11.62 19.63 -20.77
C LYS A 27 10.61 18.51 -20.60
N PHE A 28 10.45 17.99 -19.38
CA PHE A 28 9.48 16.94 -19.12
C PHE A 28 8.05 17.47 -19.24
N VAL A 29 7.82 18.73 -18.89
CA VAL A 29 6.48 19.30 -18.98
C VAL A 29 6.14 19.64 -20.42
N GLU A 30 6.98 20.45 -21.08
CA GLU A 30 6.68 20.87 -22.45
C GLU A 30 6.70 19.71 -23.42
N GLY A 31 7.55 18.69 -23.17
CA GLY A 31 7.60 17.56 -24.07
C GLY A 31 6.29 16.78 -24.12
N ASN A 32 5.74 16.47 -22.94
CA ASN A 32 4.47 15.76 -22.86
C ASN A 32 3.29 16.67 -23.17
N ALA A 33 3.43 17.99 -23.00
CA ALA A 33 2.37 18.91 -23.39
C ALA A 33 2.15 18.88 -24.89
N GLN A 34 3.23 18.82 -25.67
CA GLN A 34 3.09 18.76 -27.12
C GLN A 34 2.46 17.44 -27.58
N LEU A 35 2.62 16.38 -26.78
CA LEU A 35 2.09 15.05 -27.10
C LEU A 35 0.63 14.91 -26.68
N CYS A 36 0.30 15.29 -25.45
CA CYS A 36 -1.06 15.12 -24.95
C CYS A 36 -1.99 16.26 -25.36
N GLN A 37 -1.43 17.40 -25.76
N GLN A 37 -1.43 17.40 -25.76
CA GLN A 37 -2.19 18.58 -26.18
CA GLN A 37 -2.19 18.59 -26.18
C GLN A 37 -3.21 19.02 -25.14
C GLN A 37 -3.21 19.02 -25.14
N PRO A 38 -2.77 19.49 -23.97
CA PRO A 38 -3.72 19.99 -22.98
C PRO A 38 -4.10 21.43 -23.28
N GLU A 39 -5.31 21.80 -22.85
N GLU A 39 -5.31 21.80 -22.85
CA GLU A 39 -5.78 23.17 -23.07
CA GLU A 39 -5.77 23.17 -23.08
C GLU A 39 -5.09 24.14 -22.13
C GLU A 39 -5.12 24.15 -22.12
N TYR A 40 -4.84 23.73 -20.89
CA TYR A 40 -4.19 24.57 -19.89
C TYR A 40 -3.09 23.78 -19.19
N ILE A 41 -2.20 24.51 -18.53
CA ILE A 41 -1.12 23.93 -17.75
C ILE A 41 -1.12 24.60 -16.38
N HIS A 42 -1.32 23.80 -15.33
CA HIS A 42 -1.43 24.28 -13.96
C HIS A 42 -0.28 23.71 -13.15
N ILE A 43 0.64 24.57 -12.71
CA ILE A 43 1.77 24.15 -11.89
C ILE A 43 1.35 24.30 -10.43
N CYS A 44 1.23 23.18 -9.74
CA CYS A 44 0.72 23.19 -8.37
C CYS A 44 1.73 23.82 -7.41
N ASP A 45 1.20 24.53 -6.41
CA ASP A 45 2.03 25.12 -5.37
C ASP A 45 1.74 24.56 -3.98
N GLY A 46 0.73 23.72 -3.83
CA GLY A 46 0.44 23.10 -2.55
C GLY A 46 -0.23 24.00 -1.53
N SER A 47 -0.62 25.22 -1.90
CA SER A 47 -1.22 26.13 -0.96
C SER A 47 -2.65 25.72 -0.63
N GLU A 48 -3.16 26.26 0.49
CA GLU A 48 -4.55 26.03 0.86
C GLU A 48 -5.51 26.68 -0.13
N GLU A 49 -5.11 27.81 -0.70
CA GLU A 49 -5.96 28.49 -1.68
C GLU A 49 -6.15 27.63 -2.93
N GLU A 50 -5.07 26.99 -3.38
CA GLU A 50 -5.16 26.10 -4.53
C GLU A 50 -6.01 24.88 -4.23
N TYR A 51 -5.83 24.29 -3.04
CA TYR A 51 -6.63 23.13 -2.65
C TYR A 51 -8.12 23.49 -2.57
N GLY A 52 -8.42 24.70 -2.12
CA GLY A 52 -9.82 25.11 -2.05
C GLY A 52 -10.44 25.33 -3.41
N ARG A 53 -9.67 25.87 -4.36
CA ARG A 53 -10.19 26.11 -5.71
C ARG A 53 -10.50 24.79 -6.42
N LEU A 54 -9.64 23.78 -6.22
CA LEU A 54 -9.87 22.50 -6.86
C LEU A 54 -11.10 21.79 -6.29
N LEU A 55 -11.31 21.90 -4.98
CA LEU A 55 -12.50 21.32 -4.36
C LEU A 55 -13.76 22.01 -4.89
N ALA A 56 -13.74 23.34 -4.95
CA ALA A 56 -14.89 24.07 -5.48
C ALA A 56 -15.12 23.74 -6.95
N HIS A 57 -14.03 23.59 -7.72
CA HIS A 57 -14.17 23.25 -9.13
C HIS A 57 -14.79 21.88 -9.32
N MET A 58 -14.30 20.88 -8.59
CA MET A 58 -14.85 19.52 -8.72
C MET A 58 -16.30 19.45 -8.25
N GLN A 59 -16.68 20.27 -7.28
CA GLN A 59 -18.07 20.29 -6.83
C GLN A 59 -18.98 20.90 -7.88
N GLU A 60 -18.52 21.96 -8.55
CA GLU A 60 -19.31 22.58 -9.61
C GLU A 60 -19.42 21.67 -10.82
N GLU A 61 -18.40 20.84 -11.06
CA GLU A 61 -18.43 19.90 -12.17
C GLU A 61 -19.19 18.63 -11.86
N GLY A 62 -19.69 18.48 -10.63
CA GLY A 62 -20.39 17.26 -10.25
C GLY A 62 -19.50 16.09 -9.93
N VAL A 63 -18.20 16.33 -9.71
CA VAL A 63 -17.28 15.23 -9.43
C VAL A 63 -17.42 14.77 -7.98
N ILE A 64 -17.34 15.71 -7.04
CA ILE A 64 -17.40 15.39 -5.62
C ILE A 64 -18.56 16.14 -4.98
N ARG A 65 -19.06 15.58 -3.87
CA ARG A 65 -20.09 16.19 -3.07
C ARG A 65 -19.52 16.60 -1.71
N LYS A 66 -20.13 17.62 -1.10
CA LYS A 66 -19.70 18.08 0.20
C LYS A 66 -20.48 17.38 1.30
N LEU A 67 -19.78 16.79 2.25
CA LEU A 67 -20.40 16.14 3.41
C LEU A 67 -20.60 17.21 4.49
N LYS A 68 -21.81 17.77 4.54
CA LYS A 68 -22.09 18.89 5.42
C LYS A 68 -22.07 18.54 6.89
N LYS A 69 -22.11 17.24 7.24
CA LYS A 69 -22.09 16.84 8.64
C LYS A 69 -20.72 16.98 9.29
N TYR A 70 -19.65 16.93 8.50
CA TYR A 70 -18.29 16.99 9.02
C TYR A 70 -17.60 18.26 8.52
N ASP A 71 -16.37 18.46 8.99
CA ASP A 71 -15.60 19.66 8.69
C ASP A 71 -14.71 19.38 7.49
N ASN A 72 -15.11 19.89 6.32
CA ASN A 72 -14.31 19.79 5.10
C ASN A 72 -14.08 18.33 4.70
N CYS A 73 -15.17 17.58 4.59
CA CYS A 73 -15.13 16.20 4.12
C CYS A 73 -15.93 16.09 2.82
N TRP A 74 -15.40 15.32 1.88
CA TRP A 74 -15.95 15.25 0.54
C TRP A 74 -16.10 13.81 0.09
N LEU A 75 -17.13 13.56 -0.72
CA LEU A 75 -17.45 12.24 -1.22
C LEU A 75 -17.33 12.22 -2.74
N ALA A 76 -16.68 11.18 -3.26
CA ALA A 76 -16.54 10.99 -4.70
C ALA A 76 -17.01 9.60 -5.08
N LEU A 77 -17.85 9.51 -6.09
CA LEU A 77 -18.36 8.25 -6.61
C LEU A 77 -17.79 8.01 -8.00
N THR A 78 -17.19 6.85 -8.21
CA THR A 78 -16.47 6.56 -9.43
C THR A 78 -17.28 5.64 -10.33
N ASP A 79 -16.70 5.34 -11.49
CA ASP A 79 -17.29 4.34 -12.37
C ASP A 79 -17.17 2.96 -11.72
N PRO A 80 -18.20 2.13 -11.79
CA PRO A 80 -18.11 0.79 -11.18
C PRO A 80 -17.02 -0.08 -11.77
N ARG A 81 -16.48 0.26 -12.94
CA ARG A 81 -15.41 -0.48 -13.56
C ARG A 81 -14.03 0.03 -13.18
N ASP A 82 -13.95 1.08 -12.34
CA ASP A 82 -12.69 1.70 -11.95
C ASP A 82 -12.70 1.87 -10.43
N VAL A 83 -12.55 0.76 -9.70
CA VAL A 83 -12.76 0.73 -8.27
C VAL A 83 -11.59 0.15 -7.49
N ALA A 84 -10.54 -0.32 -8.16
CA ALA A 84 -9.43 -0.94 -7.45
C ALA A 84 -8.22 -0.98 -8.37
N ARG A 85 -7.11 -1.53 -7.85
CA ARG A 85 -5.94 -1.77 -8.68
C ARG A 85 -6.25 -2.80 -9.75
N ILE A 86 -5.55 -2.71 -10.86
CA ILE A 86 -5.68 -3.66 -11.97
C ILE A 86 -4.31 -4.32 -12.11
N GLU A 87 -4.12 -5.42 -11.37
CA GLU A 87 -2.84 -6.12 -11.40
C GLU A 87 -2.55 -6.73 -12.76
N SER A 88 -3.59 -7.11 -13.50
CA SER A 88 -3.39 -7.75 -14.80
C SER A 88 -2.85 -6.77 -15.83
N LYS A 89 -3.13 -5.48 -15.68
CA LYS A 89 -2.70 -4.47 -16.64
C LYS A 89 -1.53 -3.63 -16.10
N THR A 90 -0.82 -4.13 -15.09
CA THR A 90 0.37 -3.48 -14.56
C THR A 90 1.59 -4.23 -15.07
N VAL A 91 2.47 -3.54 -15.79
CA VAL A 91 3.60 -4.16 -16.46
C VAL A 91 4.88 -3.42 -16.11
N ILE A 92 6.00 -4.15 -16.22
CA ILE A 92 7.34 -3.60 -16.01
C ILE A 92 8.13 -3.79 -17.29
N ILE A 93 8.77 -2.73 -17.76
CA ILE A 93 9.50 -2.75 -19.02
C ILE A 93 10.98 -2.76 -18.71
N THR A 94 11.64 -3.87 -19.03
CA THR A 94 13.08 -4.00 -18.96
C THR A 94 13.59 -4.66 -20.24
N GLN A 95 14.85 -4.40 -20.56
CA GLN A 95 15.44 -4.97 -21.77
C GLN A 95 15.47 -6.50 -21.71
N GLU A 96 15.91 -7.04 -20.57
CA GLU A 96 15.94 -8.48 -20.36
C GLU A 96 14.82 -8.89 -19.42
N GLN A 97 14.19 -10.03 -19.73
CA GLN A 97 13.08 -10.50 -18.91
C GLN A 97 13.53 -10.96 -17.53
N ARG A 98 14.75 -11.48 -17.43
CA ARG A 98 15.25 -11.98 -16.15
C ARG A 98 15.46 -10.87 -15.14
N ASP A 99 15.58 -9.61 -15.59
CA ASP A 99 15.69 -8.50 -14.65
C ASP A 99 14.40 -8.26 -13.89
N THR A 100 13.26 -8.59 -14.49
CA THR A 100 11.96 -8.35 -13.87
C THR A 100 11.45 -9.57 -13.10
N VAL A 101 11.41 -10.73 -13.75
CA VAL A 101 10.87 -11.93 -13.12
C VAL A 101 11.86 -13.08 -13.29
N PRO A 102 11.95 -13.99 -12.32
CA PRO A 102 12.71 -15.22 -12.54
C PRO A 102 12.05 -16.05 -13.63
N ILE A 103 12.87 -16.58 -14.53
CA ILE A 103 12.37 -17.38 -15.65
C ILE A 103 11.69 -18.61 -15.09
N PRO A 104 10.38 -18.76 -15.26
CA PRO A 104 9.66 -19.88 -14.64
C PRO A 104 10.12 -21.22 -15.21
N LYS A 105 9.99 -22.26 -14.40
CA LYS A 105 10.40 -23.59 -14.82
C LYS A 105 9.43 -24.20 -15.82
N SER A 106 8.15 -23.79 -15.77
CA SER A 106 7.16 -24.31 -16.69
C SER A 106 5.97 -23.37 -16.81
N GLY A 107 5.39 -22.97 -15.68
CA GLY A 107 4.21 -22.13 -15.68
C GLY A 107 4.47 -20.68 -16.04
N GLN A 108 3.51 -19.81 -15.74
CA GLN A 108 3.63 -18.39 -15.96
C GLN A 108 4.05 -17.70 -14.67
N SER A 109 4.88 -16.66 -14.80
CA SER A 109 5.40 -15.97 -13.62
C SER A 109 4.29 -15.20 -12.92
N GLN A 110 4.07 -15.53 -11.64
CA GLN A 110 3.13 -14.80 -10.80
C GLN A 110 3.79 -13.64 -10.07
N LEU A 111 5.07 -13.40 -10.29
CA LEU A 111 5.84 -12.41 -9.53
C LEU A 111 6.01 -11.10 -10.30
N GLY A 112 5.35 -10.95 -11.43
CA GLY A 112 5.44 -9.72 -12.20
C GLY A 112 5.13 -9.98 -13.66
N ARG A 113 4.75 -8.90 -14.34
CA ARG A 113 4.37 -8.95 -15.75
C ARG A 113 5.35 -8.12 -16.55
N TRP A 114 6.12 -8.76 -17.42
CA TRP A 114 7.17 -8.12 -18.20
C TRP A 114 6.66 -7.76 -19.59
N MET A 115 7.22 -6.68 -20.15
CA MET A 115 6.87 -6.23 -21.49
C MET A 115 8.08 -5.54 -22.10
N SER A 116 8.41 -5.91 -23.34
CA SER A 116 9.57 -5.34 -24.01
C SER A 116 9.32 -3.88 -24.36
N GLU A 117 10.43 -3.17 -24.63
CA GLU A 117 10.33 -1.77 -25.02
C GLU A 117 9.62 -1.61 -26.36
N GLU A 118 9.82 -2.55 -27.28
CA GLU A 118 9.19 -2.47 -28.59
C GLU A 118 7.68 -2.60 -28.49
N ASP A 119 7.20 -3.52 -27.65
CA ASP A 119 5.77 -3.69 -27.47
C ASP A 119 5.15 -2.50 -26.75
N PHE A 120 5.85 -1.95 -25.76
CA PHE A 120 5.31 -0.82 -25.01
C PHE A 120 5.24 0.45 -25.85
N GLU A 121 6.19 0.64 -26.76
CA GLU A 121 6.19 1.83 -27.61
C GLU A 121 4.94 1.88 -28.47
N LYS A 122 4.49 0.73 -28.96
CA LYS A 122 3.25 0.69 -29.73
C LYS A 122 2.04 0.95 -28.85
N ALA A 123 2.04 0.39 -27.63
CA ALA A 123 0.93 0.63 -26.71
C ALA A 123 0.89 2.07 -26.23
N PHE A 124 2.05 2.73 -26.19
CA PHE A 124 2.12 4.13 -25.76
C PHE A 124 1.61 5.07 -26.85
N ASN A 125 1.99 4.81 -28.10
CA ASN A 125 1.59 5.68 -29.20
C ASN A 125 0.11 5.55 -29.55
N ALA A 126 -0.58 4.52 -29.05
CA ALA A 126 -1.99 4.32 -29.34
C ALA A 126 -2.89 4.81 -28.21
N ARG A 127 -2.36 5.59 -27.26
CA ARG A 127 -3.14 6.03 -26.11
C ARG A 127 -2.95 7.51 -25.82
N PHE A 128 -1.69 7.96 -25.75
CA PHE A 128 -1.37 9.27 -25.22
C PHE A 128 -1.41 10.43 -26.21
N PRO A 129 -1.06 10.24 -27.51
CA PRO A 129 -1.16 11.37 -28.46
C PRO A 129 -2.52 12.05 -28.45
N GLY A 130 -2.59 13.23 -27.83
CA GLY A 130 -3.82 14.00 -27.81
C GLY A 130 -4.83 13.58 -26.78
N CYS A 131 -4.42 12.89 -25.71
CA CYS A 131 -5.36 12.35 -24.74
C CYS A 131 -5.90 13.41 -23.79
N MET A 132 -5.22 14.54 -23.65
CA MET A 132 -5.66 15.62 -22.77
C MET A 132 -6.30 16.78 -23.53
N LYS A 133 -6.96 16.48 -24.65
CA LYS A 133 -7.52 17.53 -25.48
C LYS A 133 -8.65 18.24 -24.74
N GLY A 134 -8.50 19.54 -24.52
CA GLY A 134 -9.50 20.33 -23.84
C GLY A 134 -9.45 20.27 -22.32
N ARG A 135 -8.49 19.54 -21.75
CA ARG A 135 -8.36 19.41 -20.31
C ARG A 135 -7.16 20.21 -19.80
N THR A 136 -6.99 20.22 -18.49
CA THR A 136 -5.88 20.92 -17.84
C THR A 136 -4.85 19.89 -17.41
N MET A 137 -3.58 20.14 -17.76
CA MET A 137 -2.48 19.30 -17.32
C MET A 137 -1.92 19.90 -16.02
N TYR A 138 -2.14 19.21 -14.91
CA TYR A 138 -1.60 19.64 -13.63
C TYR A 138 -0.21 19.06 -13.44
N VAL A 139 0.71 19.90 -12.95
CA VAL A 139 2.07 19.50 -12.65
C VAL A 139 2.20 19.38 -11.15
N ILE A 140 2.47 18.16 -10.67
CA ILE A 140 2.50 17.88 -9.24
C ILE A 140 3.92 17.59 -8.79
N PRO A 141 4.59 18.53 -8.12
CA PRO A 141 5.92 18.24 -7.58
C PRO A 141 5.84 17.75 -6.14
N PHE A 142 6.17 16.49 -5.90
CA PHE A 142 6.00 15.89 -4.59
C PHE A 142 7.28 15.21 -4.12
N SER A 143 7.38 15.04 -2.81
CA SER A 143 8.53 14.41 -2.17
C SER A 143 8.04 13.22 -1.34
N MET A 144 8.59 12.04 -1.61
CA MET A 144 8.29 10.85 -0.83
C MET A 144 9.27 10.76 0.32
N GLY A 145 8.75 10.86 1.55
CA GLY A 145 9.58 10.90 2.73
C GLY A 145 9.79 12.33 3.20
N PRO A 146 10.33 12.49 4.41
CA PRO A 146 10.56 13.85 4.93
C PRO A 146 11.47 14.65 4.02
N LEU A 147 11.01 15.83 3.62
CA LEU A 147 11.78 16.71 2.74
C LEU A 147 13.10 17.10 3.40
N GLY A 148 14.13 16.30 3.17
CA GLY A 148 15.42 16.53 3.80
C GLY A 148 16.02 15.24 4.32
N SER A 149 15.22 14.17 4.33
CA SER A 149 15.70 12.87 4.76
C SER A 149 16.70 12.32 3.74
N PRO A 150 17.68 11.54 4.19
CA PRO A 150 18.62 10.93 3.23
C PRO A 150 17.95 9.98 2.26
N LEU A 151 16.86 9.31 2.66
CA LEU A 151 16.12 8.41 1.79
C LEU A 151 14.93 9.09 1.13
N ALA A 152 14.96 10.42 0.98
CA ALA A 152 13.86 11.15 0.37
C ALA A 152 14.05 11.20 -1.15
N LYS A 153 12.97 10.92 -1.88
CA LYS A 153 12.98 10.96 -3.33
C LYS A 153 11.90 11.92 -3.81
N ILE A 154 12.24 12.71 -4.82
CA ILE A 154 11.36 13.74 -5.37
C ILE A 154 10.80 13.25 -6.70
N GLY A 155 9.51 13.51 -6.92
CA GLY A 155 8.86 13.10 -8.14
C GLY A 155 8.02 14.22 -8.73
N ILE A 156 7.79 14.13 -10.03
CA ILE A 156 6.96 15.06 -10.78
C ILE A 156 5.88 14.25 -11.50
N GLU A 157 4.62 14.50 -11.17
CA GLU A 157 3.51 13.81 -11.81
C GLU A 157 2.72 14.80 -12.66
N LEU A 158 2.52 14.45 -13.94
CA LEU A 158 1.63 15.16 -14.83
C LEU A 158 0.31 14.42 -14.88
N THR A 159 -0.79 15.14 -14.74
CA THR A 159 -2.10 14.50 -14.72
C THR A 159 -3.17 15.49 -15.17
N ASP A 160 -4.26 14.95 -15.69
CA ASP A 160 -5.41 15.75 -16.10
C ASP A 160 -6.60 15.57 -15.18
N SER A 161 -6.37 15.11 -13.96
CA SER A 161 -7.45 14.84 -13.00
C SER A 161 -7.24 15.68 -11.75
N PRO A 162 -8.13 16.63 -11.45
CA PRO A 162 -8.02 17.35 -10.17
C PRO A 162 -8.25 16.47 -8.95
N TYR A 163 -8.98 15.36 -9.11
CA TYR A 163 -9.12 14.40 -8.02
C TYR A 163 -7.79 13.80 -7.64
N VAL A 164 -6.92 13.58 -8.63
CA VAL A 164 -5.57 13.09 -8.35
C VAL A 164 -4.77 14.15 -7.61
N VAL A 165 -4.88 15.41 -8.03
CA VAL A 165 -4.12 16.49 -7.40
C VAL A 165 -4.51 16.64 -5.93
N ALA A 166 -5.82 16.63 -5.67
CA ALA A 166 -6.29 16.79 -4.29
C ALA A 166 -5.84 15.62 -3.41
N SER A 167 -5.92 14.40 -3.93
CA SER A 167 -5.49 13.24 -3.16
C SER A 167 -3.98 13.26 -2.93
N MET A 168 -3.22 13.69 -3.93
CA MET A 168 -1.76 13.74 -3.78
C MET A 168 -1.34 14.76 -2.74
N ARG A 169 -2.15 15.81 -2.52
CA ARG A 169 -1.81 16.77 -1.47
C ARG A 169 -1.95 16.15 -0.09
N ILE A 170 -2.79 15.13 0.05
CA ILE A 170 -2.99 14.45 1.32
C ILE A 170 -1.97 13.34 1.51
N MET A 171 -1.73 12.53 0.47
CA MET A 171 -0.90 11.35 0.62
C MET A 171 0.59 11.65 0.52
N THR A 172 0.98 12.75 -0.12
CA THR A 172 2.39 13.09 -0.29
C THR A 172 2.64 14.50 0.21
N ARG A 173 3.90 14.91 0.16
CA ARG A 173 4.31 16.28 0.47
C ARG A 173 4.56 16.98 -0.87
N MET A 174 3.61 17.83 -1.26
N MET A 174 3.61 17.80 -1.29
CA MET A 174 3.62 18.49 -2.56
CA MET A 174 3.69 18.49 -2.56
C MET A 174 3.52 19.99 -2.38
C MET A 174 3.56 19.99 -2.37
N GLY A 175 4.21 20.73 -3.25
CA GLY A 175 4.16 22.18 -3.19
C GLY A 175 5.35 22.79 -3.90
N THR A 176 5.43 24.12 -3.79
CA THR A 176 6.54 24.85 -4.40
C THR A 176 7.87 24.52 -3.74
N SER A 177 7.85 24.29 -2.42
CA SER A 177 9.08 24.00 -1.70
C SER A 177 9.77 22.74 -2.18
N VAL A 178 9.02 21.81 -2.79
CA VAL A 178 9.64 20.60 -3.32
C VAL A 178 10.48 20.93 -4.55
N LEU A 179 10.05 21.89 -5.36
CA LEU A 179 10.84 22.32 -6.51
C LEU A 179 12.13 23.00 -6.08
N GLU A 180 12.10 23.74 -4.97
CA GLU A 180 13.32 24.41 -4.50
C GLU A 180 14.34 23.39 -3.99
N ALA A 181 13.87 22.32 -3.35
CA ALA A 181 14.79 21.30 -2.86
C ALA A 181 15.34 20.46 -4.00
N LEU A 182 14.61 20.36 -5.11
CA LEU A 182 15.06 19.56 -6.24
C LEU A 182 16.25 20.22 -6.94
N GLY A 183 16.06 21.45 -7.40
CA GLY A 183 17.13 22.13 -8.14
C GLY A 183 17.36 21.44 -9.46
N ASP A 184 18.62 21.10 -9.73
CA ASP A 184 18.99 20.35 -10.94
C ASP A 184 19.27 18.88 -10.64
N GLY A 185 18.70 18.34 -9.56
CA GLY A 185 18.88 16.94 -9.23
C GLY A 185 17.97 16.04 -10.01
N GLU A 186 18.08 14.74 -9.71
CA GLU A 186 17.26 13.74 -10.39
C GLU A 186 15.89 13.62 -9.74
N PHE A 187 14.89 13.32 -10.56
CA PHE A 187 13.53 13.09 -10.08
C PHE A 187 12.91 11.96 -10.87
N ILE A 188 11.80 11.44 -10.35
CA ILE A 188 11.07 10.37 -11.00
C ILE A 188 9.98 10.99 -11.87
N LYS A 189 9.92 10.56 -13.13
CA LYS A 189 8.97 11.10 -14.09
C LYS A 189 7.68 10.28 -14.04
N CYS A 190 6.57 10.96 -13.78
CA CYS A 190 5.27 10.31 -13.65
C CYS A 190 4.30 10.97 -14.61
N LEU A 191 3.68 10.16 -15.47
CA LEU A 191 2.71 10.64 -16.46
C LEU A 191 1.42 9.87 -16.28
N HIS A 192 0.32 10.58 -16.05
CA HIS A 192 -0.99 9.98 -15.85
C HIS A 192 -2.04 10.72 -16.67
N SER A 193 -2.97 9.95 -17.23
CA SER A 193 -4.09 10.52 -17.97
C SER A 193 -5.29 9.61 -17.82
N VAL A 194 -6.47 10.20 -17.60
CA VAL A 194 -7.69 9.43 -17.49
C VAL A 194 -8.14 8.86 -18.83
N GLY A 195 -7.63 9.42 -19.94
CA GLY A 195 -7.93 8.88 -21.25
C GLY A 195 -9.26 9.30 -21.83
N CYS A 196 -9.74 10.50 -21.51
CA CYS A 196 -11.01 11.01 -22.02
C CYS A 196 -10.78 12.42 -22.56
N PRO A 197 -10.21 12.54 -23.76
CA PRO A 197 -10.04 13.87 -24.36
C PRO A 197 -11.37 14.45 -24.82
N LEU A 198 -11.51 15.76 -24.66
CA LEU A 198 -12.72 16.44 -25.09
C LEU A 198 -12.65 16.71 -26.59
N PRO A 199 -13.78 16.62 -27.31
CA PRO A 199 -15.15 16.31 -26.83
C PRO A 199 -15.33 14.83 -26.48
N LEU A 200 -16.17 14.54 -25.49
CA LEU A 200 -16.35 13.17 -25.03
C LEU A 200 -17.11 12.36 -26.06
N LYS A 201 -16.56 11.21 -26.44
CA LYS A 201 -17.26 10.29 -27.32
C LYS A 201 -18.23 9.40 -26.55
N LYS A 202 -17.93 9.12 -25.29
CA LYS A 202 -18.76 8.28 -24.44
C LYS A 202 -19.21 9.07 -23.22
N PRO A 203 -20.50 9.05 -22.88
CA PRO A 203 -20.94 9.70 -21.64
C PRO A 203 -20.34 9.02 -20.42
N LEU A 204 -20.05 9.84 -19.41
CA LEU A 204 -19.37 9.36 -18.21
C LEU A 204 -20.38 8.91 -17.16
N VAL A 205 -20.05 7.82 -16.49
CA VAL A 205 -20.88 7.29 -15.40
C VAL A 205 -20.44 7.93 -14.10
N ASN A 206 -21.41 8.49 -13.36
CA ASN A 206 -21.14 9.20 -12.10
C ASN A 206 -20.16 10.35 -12.29
N ASN A 207 -20.13 10.92 -13.50
CA ASN A 207 -19.21 12.02 -13.83
C ASN A 207 -17.77 11.65 -13.57
N TRP A 208 -17.44 10.37 -13.72
CA TRP A 208 -16.11 9.85 -13.44
C TRP A 208 -15.44 9.49 -14.77
N ALA A 209 -14.46 10.28 -15.17
CA ALA A 209 -13.75 10.05 -16.42
C ALA A 209 -12.77 8.90 -16.27
N CYS A 210 -12.90 7.91 -17.16
CA CYS A 210 -12.01 6.76 -17.16
C CYS A 210 -12.12 6.05 -18.49
N ASN A 211 -11.11 5.23 -18.78
CA ASN A 211 -11.06 4.44 -20.01
C ASN A 211 -10.65 3.03 -19.63
N PRO A 212 -11.60 2.18 -19.23
CA PRO A 212 -11.23 0.84 -18.76
C PRO A 212 -10.65 -0.06 -19.85
N GLU A 213 -11.05 0.15 -21.11
CA GLU A 213 -10.60 -0.74 -22.18
C GLU A 213 -9.10 -0.57 -22.44
N LEU A 214 -8.60 0.66 -22.36
CA LEU A 214 -7.20 0.96 -22.68
C LEU A 214 -6.37 1.24 -21.43
N THR A 215 -6.75 0.64 -20.30
CA THR A 215 -6.03 0.88 -19.05
C THR A 215 -4.67 0.21 -19.09
N LEU A 216 -3.63 0.98 -18.77
CA LEU A 216 -2.27 0.45 -18.74
C LEU A 216 -1.46 1.21 -17.70
N ILE A 217 -0.80 0.47 -16.81
CA ILE A 217 0.07 1.04 -15.79
C ILE A 217 1.44 0.45 -16.01
N ALA A 218 2.33 1.22 -16.66
CA ALA A 218 3.64 0.74 -17.06
C ALA A 218 4.72 1.33 -16.17
N HIS A 219 5.81 0.56 -16.01
CA HIS A 219 6.97 0.98 -15.22
C HIS A 219 8.22 0.77 -16.05
N LEU A 220 9.08 1.79 -16.08
CA LEU A 220 10.37 1.72 -16.78
C LEU A 220 11.45 2.11 -15.77
N PRO A 221 11.92 1.14 -14.97
CA PRO A 221 12.87 1.49 -13.91
C PRO A 221 14.21 1.99 -14.42
N ASP A 222 14.62 1.57 -15.63
CA ASP A 222 15.87 2.07 -16.19
C ASP A 222 15.76 3.54 -16.58
N ARG A 223 14.57 4.00 -16.94
CA ARG A 223 14.35 5.40 -17.29
C ARG A 223 13.84 6.24 -16.12
N ARG A 224 13.56 5.63 -14.97
CA ARG A 224 12.97 6.34 -13.83
C ARG A 224 11.63 6.97 -14.21
N GLU A 225 10.83 6.24 -14.97
CA GLU A 225 9.57 6.75 -15.50
C GLU A 225 8.42 5.85 -15.10
N ILE A 226 7.27 6.45 -14.80
CA ILE A 226 6.03 5.75 -14.53
C ILE A 226 4.96 6.33 -15.44
N ILE A 227 4.30 5.46 -16.21
CA ILE A 227 3.33 5.88 -17.22
C ILE A 227 2.03 5.12 -16.97
N SER A 228 0.98 5.85 -16.60
CA SER A 228 -0.32 5.27 -16.31
C SER A 228 -1.39 5.94 -17.17
N PHE A 229 -2.38 5.15 -17.60
CA PHE A 229 -3.38 5.63 -18.54
C PHE A 229 -4.69 4.88 -18.32
N GLY A 230 -5.80 5.65 -18.32
CA GLY A 230 -7.12 5.07 -18.34
C GLY A 230 -7.83 5.00 -17.01
N SER A 231 -7.08 4.97 -15.90
CA SER A 231 -7.66 4.81 -14.58
C SER A 231 -7.31 6.00 -13.70
N GLY A 232 -8.25 6.37 -12.83
CA GLY A 232 -8.04 7.48 -11.93
C GLY A 232 -8.23 7.12 -10.47
N TYR A 233 -8.23 5.82 -10.17
CA TYR A 233 -8.52 5.32 -8.84
C TYR A 233 -7.23 4.89 -8.15
N GLY A 234 -7.06 5.35 -6.91
CA GLY A 234 -6.05 4.88 -5.98
C GLY A 234 -4.68 4.51 -6.53
N GLY A 235 -4.31 3.25 -6.40
CA GLY A 235 -2.99 2.76 -6.77
C GLY A 235 -2.67 2.90 -8.25
N ASN A 236 -3.67 3.17 -9.10
CA ASN A 236 -3.43 3.37 -10.51
C ASN A 236 -3.09 4.80 -10.86
N SER A 237 -3.69 5.78 -10.17
CA SER A 237 -3.50 7.19 -10.47
C SER A 237 -2.54 7.88 -9.51
N LEU A 238 -2.60 7.55 -8.21
CA LEU A 238 -1.68 8.10 -7.22
C LEU A 238 -0.34 7.40 -7.41
N LEU A 239 0.43 7.90 -8.38
CA LEU A 239 1.63 7.20 -8.83
C LEU A 239 2.74 7.19 -7.79
N GLY A 240 2.67 8.05 -6.77
CA GLY A 240 3.68 8.06 -5.74
C GLY A 240 3.54 6.99 -4.68
N LYS A 241 2.48 6.19 -4.73
CA LYS A 241 2.20 5.22 -3.68
C LYS A 241 2.73 3.83 -4.04
N LYS A 242 1.98 3.10 -4.86
CA LYS A 242 2.40 1.74 -5.22
C LYS A 242 3.43 1.73 -6.34
N CYS A 243 3.24 2.57 -7.36
CA CYS A 243 4.13 2.55 -8.52
C CYS A 243 5.50 3.08 -8.16
N PHE A 244 5.56 4.17 -7.40
CA PHE A 244 6.83 4.79 -7.01
C PHE A 244 7.40 4.14 -5.76
N ALA A 245 6.72 4.26 -4.62
CA ALA A 245 7.28 3.90 -3.33
C ALA A 245 7.42 2.39 -3.13
N LEU A 246 6.97 1.55 -4.06
CA LEU A 246 7.14 0.11 -3.93
C LEU A 246 7.84 -0.50 -5.14
N ARG A 247 7.25 -0.43 -6.33
CA ARG A 247 7.83 -1.11 -7.48
C ARG A 247 9.15 -0.46 -7.90
N ILE A 248 9.13 0.83 -8.21
CA ILE A 248 10.36 1.52 -8.61
C ILE A 248 11.30 1.64 -7.43
N ALA A 249 10.77 1.82 -6.23
CA ALA A 249 11.63 1.98 -5.05
C ALA A 249 12.37 0.69 -4.72
N SER A 250 11.72 -0.46 -4.91
CA SER A 250 12.39 -1.73 -4.65
C SER A 250 13.55 -1.93 -5.60
N ARG A 251 13.39 -1.51 -6.86
CA ARG A 251 14.51 -1.55 -7.80
C ARG A 251 15.65 -0.66 -7.35
N LEU A 252 15.33 0.59 -6.96
CA LEU A 252 16.34 1.49 -6.46
C LEU A 252 16.96 0.98 -5.16
N ALA A 253 16.14 0.36 -4.30
CA ALA A 253 16.65 -0.15 -3.03
C ALA A 253 17.67 -1.26 -3.26
N LYS A 254 17.42 -2.13 -4.24
CA LYS A 254 18.39 -3.17 -4.57
C LYS A 254 19.68 -2.56 -5.11
N GLU A 255 19.57 -1.51 -5.91
CA GLU A 255 20.77 -0.87 -6.46
C GLU A 255 21.56 -0.15 -5.38
N GLU A 256 20.88 0.46 -4.41
CA GLU A 256 21.52 1.32 -3.43
C GLU A 256 21.70 0.66 -2.07
N GLY A 257 21.04 -0.45 -1.81
CA GLY A 257 21.28 -1.21 -0.60
C GLY A 257 20.30 -1.00 0.54
N TRP A 258 19.11 -0.46 0.28
CA TRP A 258 18.10 -0.32 1.30
C TRP A 258 16.92 -1.25 0.99
N LEU A 259 15.77 -0.98 1.60
CA LEU A 259 14.59 -1.83 1.44
C LEU A 259 13.35 -0.97 1.30
N ALA A 260 12.46 -1.38 0.38
CA ALA A 260 11.16 -0.76 0.20
C ALA A 260 10.12 -1.88 0.30
N GLU A 261 9.34 -1.87 1.37
CA GLU A 261 8.48 -3.01 1.69
C GLU A 261 7.04 -2.54 1.93
N HIS A 262 6.12 -3.48 1.78
CA HIS A 262 4.69 -3.25 1.98
C HIS A 262 4.33 -3.51 3.44
N MET A 263 4.86 -2.64 4.32
CA MET A 263 4.80 -2.86 5.75
C MET A 263 4.27 -1.63 6.48
N LEU A 264 3.59 -1.87 7.59
CA LEU A 264 3.25 -0.83 8.54
C LEU A 264 4.41 -0.63 9.52
N ILE A 265 4.36 0.49 10.24
CA ILE A 265 5.35 0.79 11.27
C ILE A 265 4.60 1.30 12.49
N LEU A 266 4.72 0.60 13.61
CA LEU A 266 4.09 1.02 14.85
C LEU A 266 5.10 0.98 15.98
N GLY A 267 4.93 1.92 16.93
CA GLY A 267 5.70 1.93 18.16
C GLY A 267 4.80 1.53 19.31
N ILE A 268 5.30 0.62 20.15
CA ILE A 268 4.54 0.07 21.26
C ILE A 268 5.33 0.26 22.55
N THR A 269 4.64 0.71 23.60
CA THR A 269 5.25 0.98 24.90
C THR A 269 4.58 0.12 25.97
N ASN A 270 5.38 -0.44 26.84
CA ASN A 270 4.93 -1.34 27.90
C ASN A 270 4.78 -0.58 29.21
N PRO A 271 4.11 -1.17 30.20
CA PRO A 271 3.94 -0.47 31.50
C PRO A 271 5.25 -0.16 32.22
N GLU A 272 6.37 -0.73 31.79
CA GLU A 272 7.66 -0.47 32.41
C GLU A 272 8.42 0.68 31.77
N GLY A 273 7.78 1.40 30.84
CA GLY A 273 8.41 2.56 30.23
C GLY A 273 9.34 2.28 29.07
N LYS A 274 9.34 1.06 28.54
CA LYS A 274 10.17 0.69 27.40
C LYS A 274 9.33 0.75 26.13
N LYS A 275 9.91 1.30 25.07
CA LYS A 275 9.23 1.45 23.80
C LYS A 275 10.03 0.78 22.69
N LYS A 276 9.35 0.02 21.85
CA LYS A 276 9.96 -0.63 20.70
C LYS A 276 9.12 -0.37 19.45
N TYR A 277 9.76 -0.49 18.29
CA TYR A 277 9.11 -0.30 17.01
C TYR A 277 9.05 -1.64 16.27
N LEU A 278 7.91 -1.89 15.63
CA LEU A 278 7.69 -3.12 14.88
C LEU A 278 7.22 -2.80 13.47
N ALA A 279 7.58 -3.67 12.53
CA ALA A 279 7.09 -3.62 11.17
C ALA A 279 6.31 -4.89 10.88
N ALA A 280 5.25 -4.77 10.09
CA ALA A 280 4.39 -5.90 9.80
C ALA A 280 3.98 -5.87 8.32
N ALA A 281 4.22 -6.97 7.62
CA ALA A 281 3.87 -7.11 6.21
C ALA A 281 2.67 -8.04 6.11
N PHE A 282 1.48 -7.48 5.95
CA PHE A 282 0.28 -8.23 5.66
C PHE A 282 -0.17 -7.95 4.23
N PRO A 283 -0.84 -8.89 3.56
CA PRO A 283 -1.36 -8.62 2.22
C PRO A 283 -2.41 -7.52 2.27
N SER A 284 -2.82 -7.10 1.07
CA SER A 284 -3.84 -6.06 0.99
C SER A 284 -5.16 -6.56 1.59
N ALA A 285 -5.80 -5.69 2.37
CA ALA A 285 -7.07 -6.00 3.04
C ALA A 285 -6.91 -7.17 4.01
N CYS A 286 -5.88 -7.08 4.87
CA CYS A 286 -5.58 -8.14 5.82
C CYS A 286 -5.24 -7.62 7.21
N GLY A 287 -5.32 -6.31 7.45
CA GLY A 287 -5.31 -5.80 8.81
C GLY A 287 -4.16 -4.89 9.18
N LYS A 288 -3.43 -4.35 8.19
CA LYS A 288 -2.30 -3.49 8.51
C LYS A 288 -2.75 -2.19 9.18
N THR A 289 -3.71 -1.50 8.58
CA THR A 289 -4.17 -0.22 9.14
C THR A 289 -4.82 -0.42 10.51
N ASN A 290 -5.54 -1.52 10.69
CA ASN A 290 -6.15 -1.79 11.99
C ASN A 290 -5.09 -2.05 13.06
N LEU A 291 -4.01 -2.73 12.69
CA LEU A 291 -2.95 -3.02 13.66
C LEU A 291 -2.16 -1.76 14.01
N ALA A 292 -1.84 -0.94 12.99
CA ALA A 292 -1.05 0.26 13.23
C ALA A 292 -1.78 1.31 14.04
N MET A 293 -3.11 1.30 14.05
CA MET A 293 -3.90 2.24 14.83
C MET A 293 -4.66 1.56 15.97
N MET A 294 -4.14 0.43 16.45
CA MET A 294 -4.85 -0.36 17.44
C MET A 294 -5.02 0.41 18.74
N ASN A 295 -6.21 0.25 19.36
CA ASN A 295 -6.43 0.68 20.73
C ASN A 295 -6.28 -0.54 21.62
N PRO A 296 -5.15 -0.72 22.31
CA PRO A 296 -4.91 -1.97 23.03
C PRO A 296 -5.84 -2.13 24.22
N THR A 297 -6.26 -3.36 24.47
CA THR A 297 -7.14 -3.68 25.59
C THR A 297 -6.37 -3.96 26.87
N LEU A 298 -5.06 -4.13 26.81
CA LEU A 298 -4.26 -4.36 28.01
C LEU A 298 -3.94 -3.02 28.67
N PRO A 299 -4.17 -2.88 29.98
CA PRO A 299 -3.88 -1.61 30.63
C PRO A 299 -2.38 -1.36 30.73
N GLY A 300 -1.99 -0.09 30.60
CA GLY A 300 -0.60 0.29 30.63
C GLY A 300 0.13 0.18 29.31
N TRP A 301 -0.48 -0.39 28.29
CA TRP A 301 0.12 -0.53 26.98
C TRP A 301 -0.39 0.57 26.05
N LYS A 302 0.50 1.06 25.18
CA LYS A 302 0.17 2.13 24.26
C LYS A 302 0.75 1.83 22.89
N VAL A 303 -0.03 2.07 21.85
CA VAL A 303 0.39 1.88 20.46
C VAL A 303 0.39 3.23 19.77
N GLU A 304 1.50 3.54 19.11
CA GLU A 304 1.63 4.76 18.32
C GLU A 304 1.93 4.39 16.87
N CYS A 305 1.37 5.17 15.95
CA CYS A 305 1.43 4.84 14.52
C CYS A 305 2.46 5.70 13.83
N VAL A 306 3.37 5.06 13.10
CA VAL A 306 4.32 5.74 12.23
C VAL A 306 3.85 5.73 10.78
N GLY A 307 3.35 4.58 10.32
CA GLY A 307 2.80 4.42 8.99
C GLY A 307 2.00 3.14 8.94
N ASP A 308 1.20 2.99 7.88
CA ASP A 308 0.29 1.87 7.79
C ASP A 308 0.39 1.07 6.50
N ASP A 309 1.29 1.41 5.59
CA ASP A 309 1.27 0.76 4.28
C ASP A 309 2.67 0.54 3.69
N ILE A 310 3.50 1.57 3.67
CA ILE A 310 4.79 1.53 2.98
C ILE A 310 5.88 1.88 3.97
N ALA A 311 6.98 1.12 3.92
CA ALA A 311 8.13 1.33 4.78
C ALA A 311 9.41 1.31 3.94
N TRP A 312 10.27 2.29 4.16
CA TRP A 312 11.59 2.35 3.55
C TRP A 312 12.63 2.15 4.64
N MET A 313 13.40 1.07 4.54
CA MET A 313 14.29 0.65 5.60
C MET A 313 15.73 0.58 5.12
N LYS A 314 16.66 0.89 6.03
CA LYS A 314 18.08 0.87 5.72
C LYS A 314 18.87 0.86 7.03
N PHE A 315 19.97 0.11 7.04
CA PHE A 315 20.85 0.11 8.21
C PHE A 315 21.56 1.45 8.34
N ASP A 316 21.91 1.78 9.58
CA ASP A 316 22.68 2.98 9.88
C ASP A 316 24.12 2.62 10.22
N ALA A 317 24.90 3.63 10.60
CA ALA A 317 26.30 3.39 10.94
C ALA A 317 26.45 2.50 12.18
N GLN A 318 25.44 2.45 13.03
CA GLN A 318 25.48 1.65 14.25
C GLN A 318 24.99 0.22 14.05
N GLY A 319 24.45 -0.11 12.88
CA GLY A 319 23.92 -1.43 12.63
C GLY A 319 22.45 -1.59 12.90
N ASN A 320 21.73 -0.49 13.17
CA ASN A 320 20.30 -0.54 13.43
C ASN A 320 19.53 -0.43 12.12
N LEU A 321 18.52 -1.28 11.95
CA LEU A 321 17.63 -1.19 10.79
C LEU A 321 16.61 -0.10 11.07
N ARG A 322 16.75 1.03 10.36
CA ARG A 322 15.90 2.19 10.57
C ARG A 322 14.87 2.28 9.44
N ALA A 323 13.65 2.69 9.79
CA ALA A 323 12.54 2.74 8.85
C ALA A 323 11.88 4.11 8.90
N ILE A 324 11.37 4.54 7.74
CA ILE A 324 10.61 5.78 7.62
C ILE A 324 9.32 5.49 6.89
N ASN A 325 8.29 6.30 7.17
CA ASN A 325 7.07 6.28 6.40
C ASN A 325 7.17 7.32 5.30
N PRO A 326 7.31 6.93 4.03
CA PRO A 326 7.44 7.93 2.96
C PRO A 326 6.16 8.66 2.62
N GLU A 327 5.02 8.24 3.17
CA GLU A 327 3.74 8.84 2.85
C GLU A 327 3.41 9.99 3.80
N ASN A 328 2.33 10.69 3.50
CA ASN A 328 1.88 11.83 4.28
C ASN A 328 0.46 11.69 4.79
N GLY A 329 -0.23 10.60 4.44
CA GLY A 329 -1.59 10.39 4.90
C GLY A 329 -1.94 8.92 4.89
N PHE A 330 -3.23 8.65 5.09
CA PHE A 330 -3.75 7.29 5.14
C PHE A 330 -4.80 7.10 4.07
N PHE A 331 -4.63 6.05 3.26
CA PHE A 331 -5.55 5.68 2.19
C PHE A 331 -6.12 4.30 2.52
N GLY A 332 -6.93 4.24 3.58
CA GLY A 332 -7.36 2.98 4.15
C GLY A 332 -8.77 2.57 3.75
N VAL A 333 -9.02 1.26 3.86
CA VAL A 333 -10.33 0.70 3.53
C VAL A 333 -11.36 1.18 4.54
N ALA A 334 -12.52 1.59 4.03
CA ALA A 334 -13.60 2.14 4.87
C ALA A 334 -14.52 1.07 5.44
N PRO A 335 -15.02 0.10 4.67
CA PRO A 335 -15.92 -0.90 5.25
C PRO A 335 -15.21 -1.72 6.32
N GLY A 336 -15.92 -1.94 7.43
CA GLY A 336 -15.37 -2.63 8.58
C GLY A 336 -14.79 -1.72 9.64
N THR A 337 -14.54 -0.45 9.32
CA THR A 337 -14.04 0.51 10.29
C THR A 337 -15.18 0.99 11.18
N SER A 338 -15.07 0.69 12.48
CA SER A 338 -16.09 1.08 13.44
C SER A 338 -15.39 1.58 14.70
N VAL A 339 -16.20 2.07 15.64
CA VAL A 339 -15.65 2.51 16.92
C VAL A 339 -15.10 1.31 17.70
N LYS A 340 -15.63 0.12 17.44
CA LYS A 340 -15.12 -1.08 18.11
C LYS A 340 -13.82 -1.58 17.47
N THR A 341 -13.77 -1.61 16.13
CA THR A 341 -12.61 -2.19 15.45
C THR A 341 -11.44 -1.21 15.43
N ASN A 342 -11.66 0.00 14.96
CA ASN A 342 -10.60 1.00 14.81
C ASN A 342 -11.11 2.36 15.25
N PRO A 343 -11.20 2.58 16.57
CA PRO A 343 -11.70 3.88 17.05
C PRO A 343 -10.77 5.04 16.74
N ASN A 344 -9.45 4.80 16.64
CA ASN A 344 -8.54 5.89 16.31
C ASN A 344 -8.71 6.36 14.88
N ALA A 345 -9.20 5.49 13.99
CA ALA A 345 -9.47 5.92 12.62
C ALA A 345 -10.72 6.79 12.54
N ILE A 346 -11.72 6.52 13.39
CA ILE A 346 -12.93 7.33 13.39
C ILE A 346 -12.61 8.76 13.80
N LYS A 347 -11.73 8.94 14.78
CA LYS A 347 -11.35 10.28 15.20
C LYS A 347 -10.58 11.02 14.09
N THR A 348 -9.90 10.28 13.22
CA THR A 348 -9.05 10.90 12.21
C THR A 348 -9.86 11.37 10.99
N ILE A 349 -10.85 10.59 10.58
CA ILE A 349 -11.50 10.79 9.29
C ILE A 349 -12.70 11.74 9.40
N GLN A 350 -12.82 12.43 10.54
CA GLN A 350 -13.95 13.34 10.74
C GLN A 350 -13.68 14.74 10.23
N LYS A 351 -12.53 14.99 9.60
CA LYS A 351 -12.25 16.30 9.02
C LYS A 351 -11.13 16.19 8.01
N ASN A 352 -11.21 17.01 6.97
CA ASN A 352 -10.18 17.10 5.92
C ASN A 352 -9.96 15.74 5.25
N THR A 353 -11.03 14.99 5.06
CA THR A 353 -10.96 13.62 4.55
C THR A 353 -11.79 13.50 3.29
N ILE A 354 -11.20 12.93 2.25
CA ILE A 354 -11.89 12.65 0.99
C ILE A 354 -12.29 11.18 0.98
N PHE A 355 -13.58 10.92 0.91
CA PHE A 355 -14.11 9.57 0.83
C PHE A 355 -14.42 9.20 -0.61
N THR A 356 -14.23 7.93 -0.95
CA THR A 356 -14.46 7.44 -2.30
C THR A 356 -15.31 6.19 -2.24
N ASN A 357 -16.49 6.24 -2.88
CA ASN A 357 -17.37 5.09 -3.05
C ASN A 357 -17.95 4.56 -1.74
N VAL A 358 -18.11 5.42 -0.74
CA VAL A 358 -18.85 5.08 0.45
C VAL A 358 -20.25 5.65 0.33
N ALA A 359 -21.15 5.16 1.18
CA ALA A 359 -22.54 5.63 1.14
C ALA A 359 -22.68 6.95 1.88
N GLU A 360 -23.64 7.75 1.43
CA GLU A 360 -23.93 9.05 2.03
C GLU A 360 -25.29 9.01 2.70
N THR A 361 -25.36 9.49 3.93
CA THR A 361 -26.63 9.60 4.63
C THR A 361 -27.30 10.93 4.30
N SER A 362 -28.61 11.00 4.54
CA SER A 362 -29.39 12.16 4.16
C SER A 362 -29.02 13.40 4.96
N ASP A 363 -28.44 13.25 6.15
CA ASP A 363 -28.04 14.39 6.96
C ASP A 363 -26.62 14.87 6.67
N GLY A 364 -25.96 14.28 5.68
CA GLY A 364 -24.63 14.72 5.28
C GLY A 364 -23.48 13.89 5.81
N GLY A 365 -23.73 12.68 6.31
CA GLY A 365 -22.70 11.83 6.85
C GLY A 365 -22.34 10.68 5.92
N VAL A 366 -21.44 9.84 6.41
CA VAL A 366 -20.98 8.67 5.68
C VAL A 366 -21.58 7.42 6.30
N TYR A 367 -21.55 6.33 5.53
CA TYR A 367 -22.06 5.06 6.01
C TYR A 367 -21.46 3.94 5.18
N TRP A 368 -21.23 2.80 5.83
CA TRP A 368 -20.69 1.63 5.15
C TRP A 368 -20.99 0.40 5.99
N GLU A 369 -20.78 -0.77 5.40
CA GLU A 369 -20.98 -2.02 6.12
C GLU A 369 -19.97 -2.14 7.27
N GLY A 370 -20.43 -2.68 8.38
CA GLY A 370 -19.58 -2.86 9.55
C GLY A 370 -19.30 -1.60 10.33
N ILE A 371 -20.06 -0.51 10.09
CA ILE A 371 -19.82 0.72 10.82
C ILE A 371 -20.32 0.62 12.26
N ASP A 372 -21.22 -0.32 12.54
CA ASP A 372 -21.69 -0.61 13.90
C ASP A 372 -22.22 0.64 14.60
N GLU A 373 -23.03 1.40 13.88
CA GLU A 373 -23.55 2.65 14.42
C GLU A 373 -24.94 2.93 13.88
N PRO A 374 -25.97 2.87 14.71
CA PRO A 374 -27.34 3.13 14.22
C PRO A 374 -27.55 4.58 13.86
N LEU A 375 -28.52 4.81 12.99
CA LEU A 375 -28.84 6.14 12.49
C LEU A 375 -30.10 6.68 13.15
N ALA A 376 -30.27 8.00 13.05
CA ALA A 376 -31.44 8.66 13.61
C ALA A 376 -32.67 8.35 12.77
N PRO A 377 -33.86 8.47 13.36
CA PRO A 377 -35.10 8.25 12.58
C PRO A 377 -35.21 9.27 11.44
N GLY A 378 -35.71 8.80 10.31
CA GLY A 378 -35.87 9.63 9.14
C GLY A 378 -34.64 9.79 8.26
N VAL A 379 -33.53 9.19 8.64
CA VAL A 379 -32.29 9.31 7.88
C VAL A 379 -32.25 8.22 6.82
N THR A 380 -32.13 8.62 5.56
CA THR A 380 -32.03 7.70 4.45
C THR A 380 -30.58 7.57 3.99
N ILE A 381 -30.30 6.46 3.29
CA ILE A 381 -28.96 6.12 2.86
C ILE A 381 -28.92 6.09 1.34
N THR A 382 -27.91 6.73 0.75
CA THR A 382 -27.66 6.68 -0.68
C THR A 382 -26.41 5.86 -0.93
N SER A 383 -26.56 4.76 -1.67
CA SER A 383 -25.44 3.86 -1.91
C SER A 383 -24.38 4.53 -2.79
N TRP A 384 -23.25 3.83 -2.95
CA TRP A 384 -22.17 4.36 -3.78
C TRP A 384 -22.53 4.38 -5.26
N LYS A 385 -23.57 3.64 -5.66
CA LYS A 385 -24.08 3.67 -7.03
C LYS A 385 -25.02 4.84 -7.27
N ASN A 386 -25.08 5.80 -6.34
CA ASN A 386 -25.95 6.97 -6.44
C ASN A 386 -27.41 6.55 -6.57
N LYS A 387 -27.82 5.62 -5.71
CA LYS A 387 -29.19 5.13 -5.70
C LYS A 387 -29.68 5.03 -4.25
N GLU A 388 -31.00 5.02 -4.09
CA GLU A 388 -31.58 4.83 -2.77
C GLU A 388 -31.38 3.39 -2.33
N TRP A 389 -30.84 3.21 -1.12
CA TRP A 389 -30.49 1.90 -0.61
C TRP A 389 -31.16 1.66 0.72
N ARG A 390 -31.79 0.50 0.86
CA ARG A 390 -32.37 0.03 2.11
C ARG A 390 -31.69 -1.27 2.52
N PRO A 391 -31.69 -1.60 3.83
CA PRO A 391 -31.00 -2.82 4.28
C PRO A 391 -31.61 -4.11 3.74
N GLN A 392 -32.68 -4.00 2.95
CA GLN A 392 -33.33 -5.16 2.36
C GLN A 392 -32.75 -5.55 1.00
N ASP A 393 -31.94 -4.69 0.38
CA ASP A 393 -31.33 -5.03 -0.89
C ASP A 393 -30.22 -6.05 -0.70
N GLU A 394 -29.82 -6.68 -1.81
CA GLU A 394 -28.74 -7.65 -1.77
C GLU A 394 -27.37 -6.96 -1.81
N GLU A 395 -27.26 -5.90 -2.61
CA GLU A 395 -25.99 -5.22 -2.78
C GLU A 395 -25.66 -4.36 -1.56
N PRO A 396 -24.38 -4.23 -1.22
CA PRO A 396 -23.99 -3.34 -0.13
C PRO A 396 -24.07 -1.88 -0.53
N CYS A 397 -24.23 -1.03 0.49
CA CYS A 397 -24.34 0.41 0.25
C CYS A 397 -23.00 1.05 -0.05
N ALA A 398 -21.89 0.40 0.30
CA ALA A 398 -20.56 0.90 0.02
C ALA A 398 -19.75 -0.18 -0.68
N HIS A 399 -18.90 0.23 -1.60
CA HIS A 399 -18.07 -0.72 -2.32
C HIS A 399 -17.06 -1.36 -1.36
N PRO A 400 -16.75 -2.65 -1.53
CA PRO A 400 -15.81 -3.31 -0.62
C PRO A 400 -14.44 -2.65 -0.57
N ASN A 401 -13.99 -2.05 -1.66
CA ASN A 401 -12.69 -1.39 -1.70
C ASN A 401 -12.81 0.13 -1.59
N SER A 402 -13.91 0.63 -1.02
CA SER A 402 -14.06 2.06 -0.80
C SER A 402 -13.02 2.53 0.22
N ARG A 403 -12.52 3.74 0.02
CA ARG A 403 -11.39 4.25 0.77
C ARG A 403 -11.69 5.63 1.35
N PHE A 404 -10.95 5.98 2.40
CA PHE A 404 -10.87 7.34 2.88
C PHE A 404 -9.44 7.84 2.72
N CYS A 405 -9.30 9.15 2.50
CA CYS A 405 -8.01 9.78 2.25
C CYS A 405 -7.85 10.91 3.28
N THR A 406 -7.15 10.63 4.37
CA THR A 406 -7.05 11.57 5.47
C THR A 406 -5.60 11.88 5.79
N PRO A 407 -5.30 13.09 6.25
CA PRO A 407 -3.93 13.42 6.63
C PRO A 407 -3.47 12.64 7.85
N ALA A 408 -2.19 12.28 7.86
CA ALA A 408 -1.63 11.49 8.94
C ALA A 408 -1.44 12.29 10.22
N SER A 409 -1.17 13.60 10.10
CA SER A 409 -0.94 14.41 11.29
C SER A 409 -2.19 14.58 12.14
N GLN A 410 -3.37 14.30 11.58
CA GLN A 410 -4.61 14.37 12.35
C GLN A 410 -4.85 13.14 13.20
N CYS A 411 -4.10 12.06 12.99
CA CYS A 411 -4.28 10.86 13.79
C CYS A 411 -3.91 11.16 15.24
N PRO A 412 -4.78 10.83 16.20
CA PRO A 412 -4.48 11.18 17.60
C PRO A 412 -3.33 10.38 18.19
N ILE A 413 -2.97 9.24 17.61
CA ILE A 413 -1.89 8.42 18.14
C ILE A 413 -0.72 8.37 17.16
N ILE A 414 -0.58 9.41 16.33
CA ILE A 414 0.54 9.48 15.40
C ILE A 414 1.84 9.59 16.20
N ASP A 415 2.85 8.84 15.78
CA ASP A 415 4.09 8.77 16.54
C ASP A 415 4.87 10.08 16.40
N PRO A 416 5.43 10.60 17.50
CA PRO A 416 6.15 11.88 17.41
C PRO A 416 7.40 11.83 16.55
N ALA A 417 7.82 10.65 16.09
CA ALA A 417 8.99 10.51 15.22
C ALA A 417 8.60 10.04 13.83
N TRP A 418 7.35 10.30 13.41
CA TRP A 418 6.90 9.87 12.10
C TRP A 418 7.43 10.75 10.97
N GLU A 419 7.82 11.98 11.27
CA GLU A 419 8.46 12.86 10.29
C GLU A 419 9.96 13.00 10.54
N SER A 420 10.53 12.21 11.45
CA SER A 420 11.95 12.28 11.72
C SER A 420 12.74 11.80 10.51
N PRO A 421 13.72 12.56 10.03
CA PRO A 421 14.46 12.12 8.83
C PRO A 421 15.40 10.96 9.07
N GLU A 422 15.72 10.64 10.32
CA GLU A 422 16.64 9.55 10.62
C GLU A 422 15.95 8.20 10.76
N GLY A 423 14.62 8.17 10.90
CA GLY A 423 13.89 6.93 10.99
C GLY A 423 13.85 6.36 12.40
N VAL A 424 13.07 5.30 12.54
CA VAL A 424 12.90 4.63 13.82
C VAL A 424 13.56 3.26 13.78
N PRO A 425 14.21 2.82 14.86
CA PRO A 425 14.90 1.51 14.85
C PRO A 425 13.90 0.36 14.97
N ILE A 426 13.91 -0.52 13.98
CA ILE A 426 13.01 -1.67 13.95
C ILE A 426 13.66 -2.82 14.70
N GLU A 427 12.94 -3.36 15.68
CA GLU A 427 13.42 -4.50 16.45
C GLU A 427 12.62 -5.78 16.19
N GLY A 428 11.59 -5.71 15.36
CA GLY A 428 10.79 -6.89 15.07
C GLY A 428 10.05 -6.74 13.76
N ILE A 429 9.90 -7.86 13.05
CA ILE A 429 9.21 -7.91 11.77
C ILE A 429 8.14 -8.99 11.85
N ILE A 430 6.92 -8.67 11.43
CA ILE A 430 5.77 -9.55 11.54
C ILE A 430 5.26 -9.88 10.14
N PHE A 431 5.06 -11.17 9.88
CA PHE A 431 4.41 -11.64 8.67
C PHE A 431 3.07 -12.28 9.03
N GLY A 432 2.25 -12.51 8.02
CA GLY A 432 0.99 -13.19 8.24
C GLY A 432 -0.02 -12.83 7.18
N GLY A 433 -1.08 -13.63 7.13
CA GLY A 433 -2.16 -13.41 6.21
C GLY A 433 -3.43 -14.07 6.71
N ARG A 434 -4.40 -14.20 5.80
CA ARG A 434 -5.68 -14.81 6.12
C ARG A 434 -5.58 -16.32 5.87
N ARG A 435 -5.48 -17.09 6.94
CA ARG A 435 -5.49 -18.55 6.86
C ARG A 435 -6.60 -19.08 7.76
N PRO A 436 -7.67 -19.64 7.19
CA PRO A 436 -8.77 -20.12 8.03
C PRO A 436 -8.45 -21.39 8.80
N ALA A 437 -7.42 -22.14 8.41
CA ALA A 437 -7.11 -23.40 9.06
C ALA A 437 -5.60 -23.62 9.07
N GLY A 438 -5.16 -24.48 9.99
CA GLY A 438 -3.77 -24.92 10.03
C GLY A 438 -2.73 -24.04 10.70
N VAL A 439 -2.70 -22.77 10.36
CA VAL A 439 -1.65 -21.87 10.86
C VAL A 439 -1.99 -21.44 12.28
N PRO A 440 -1.10 -21.61 13.24
CA PRO A 440 -1.38 -21.18 14.62
C PRO A 440 -1.44 -19.66 14.72
N LEU A 441 -1.86 -19.20 15.91
CA LEU A 441 -2.08 -17.76 16.11
C LEU A 441 -0.79 -16.97 15.93
N VAL A 442 0.32 -17.47 16.45
CA VAL A 442 1.60 -16.78 16.35
C VAL A 442 2.71 -17.80 16.57
N TYR A 443 3.80 -17.63 15.83
CA TYR A 443 5.02 -18.38 16.08
C TYR A 443 6.22 -17.56 15.64
N GLU A 444 7.39 -17.94 16.14
CA GLU A 444 8.62 -17.18 15.95
C GLU A 444 9.61 -17.99 15.14
N ALA A 445 10.30 -17.33 14.22
CA ALA A 445 11.27 -17.99 13.37
C ALA A 445 12.49 -18.43 14.18
N LEU A 446 13.17 -19.46 13.66
CA LEU A 446 14.34 -20.04 14.31
C LEU A 446 15.63 -19.30 14.00
N SER A 447 15.70 -18.59 12.88
CA SER A 447 16.90 -17.85 12.50
C SER A 447 16.51 -16.85 11.42
N TRP A 448 17.49 -16.05 10.99
CA TRP A 448 17.23 -15.07 9.94
C TRP A 448 16.89 -15.76 8.62
N GLN A 449 17.59 -16.85 8.30
CA GLN A 449 17.29 -17.58 7.07
C GLN A 449 15.90 -18.21 7.13
N HIS A 450 15.54 -18.79 8.26
CA HIS A 450 14.20 -19.33 8.41
C HIS A 450 13.14 -18.23 8.36
N GLY A 451 13.46 -17.04 8.87
CA GLY A 451 12.50 -15.95 8.81
C GLY A 451 12.27 -15.45 7.40
N VAL A 452 13.33 -15.39 6.59
CA VAL A 452 13.16 -15.03 5.19
C VAL A 452 12.35 -16.10 4.46
N PHE A 453 12.55 -17.37 4.81
CA PHE A 453 11.74 -18.43 4.24
C PHE A 453 10.29 -18.28 4.66
N VAL A 454 10.04 -17.82 5.89
CA VAL A 454 8.68 -17.62 6.37
C VAL A 454 7.97 -16.56 5.52
N GLY A 455 8.68 -15.45 5.24
CA GLY A 455 8.08 -14.42 4.42
C GLY A 455 7.85 -14.86 2.99
N ALA A 456 8.75 -15.70 2.47
CA ALA A 456 8.60 -16.18 1.09
C ALA A 456 7.48 -17.20 0.97
N ALA A 457 7.14 -17.89 2.06
CA ALA A 457 6.12 -18.92 2.05
C ALA A 457 4.76 -18.40 2.51
N MET A 458 4.53 -17.10 2.42
CA MET A 458 3.25 -16.53 2.86
C MET A 458 2.13 -16.89 1.90
N ARG A 459 0.98 -17.23 2.48
CA ARG A 459 -0.23 -17.53 1.70
C ARG A 459 -1.43 -16.90 2.40
N SER A 460 -2.46 -16.59 1.61
CA SER A 460 -3.64 -15.93 2.14
C SER A 460 -4.79 -16.13 1.16
N GLU A 461 -6.00 -16.27 1.69
CA GLU A 461 -7.17 -16.40 0.84
C GLU A 461 -7.43 -15.10 0.10
N ALA A 462 -7.99 -15.22 -1.10
CA ALA A 462 -8.15 -14.07 -1.99
C ALA A 462 -9.16 -13.08 -1.41
N THR A 463 -8.77 -11.80 -1.38
CA THR A 463 -9.64 -10.74 -0.87
C THR A 463 -10.31 -10.01 -2.03
N ALA A 464 -10.60 -8.73 -1.85
CA ALA A 464 -11.24 -7.90 -2.87
C ALA A 464 -10.40 -6.66 -3.15
N ALA A 465 -9.08 -6.84 -3.21
CA ALA A 465 -8.15 -5.73 -3.46
C ALA A 465 -7.76 -5.61 -4.92
N ALA A 466 -7.27 -6.69 -5.52
CA ALA A 466 -6.95 -6.70 -6.95
C ALA A 466 -8.21 -6.94 -7.77
N GLU A 467 -8.23 -8.04 -8.52
CA GLU A 467 -9.42 -8.44 -9.27
C GLU A 467 -9.65 -9.94 -9.19
N HIS A 468 -9.23 -10.56 -8.10
CA HIS A 468 -9.42 -12.00 -7.91
C HIS A 468 -10.70 -12.27 -7.12
N LYS A 469 -11.27 -13.45 -7.32
CA LYS A 469 -12.51 -13.85 -6.67
C LYS A 469 -12.39 -15.30 -6.22
N GLY A 470 -13.39 -15.74 -5.47
CA GLY A 470 -13.45 -17.11 -5.01
C GLY A 470 -12.59 -17.39 -3.78
N LYS A 471 -12.98 -18.40 -3.01
CA LYS A 471 -12.22 -18.81 -1.83
C LYS A 471 -11.06 -19.67 -2.29
N VAL A 472 -9.90 -19.03 -2.50
CA VAL A 472 -8.71 -19.69 -3.00
C VAL A 472 -7.52 -19.22 -2.18
N ILE A 473 -6.75 -20.18 -1.65
CA ILE A 473 -5.52 -19.86 -0.92
C ILE A 473 -4.44 -19.62 -1.95
N MET A 474 -3.96 -18.38 -2.03
CA MET A 474 -2.95 -17.99 -3.01
C MET A 474 -1.67 -17.57 -2.31
N HIS A 475 -0.56 -17.64 -3.05
CA HIS A 475 0.73 -17.25 -2.54
C HIS A 475 0.90 -15.74 -2.63
N ASP A 476 1.47 -15.15 -1.57
CA ASP A 476 1.76 -13.72 -1.54
C ASP A 476 3.00 -13.49 -0.70
N PRO A 477 4.17 -13.81 -1.23
CA PRO A 477 5.40 -13.73 -0.43
C PRO A 477 5.73 -12.29 -0.04
N PHE A 478 5.96 -12.09 1.25
CA PHE A 478 6.30 -10.78 1.81
C PHE A 478 5.20 -9.74 1.58
N ALA A 479 4.01 -10.19 1.19
CA ALA A 479 2.90 -9.31 0.81
C ALA A 479 3.30 -8.36 -0.31
N MET A 480 4.24 -8.79 -1.15
CA MET A 480 4.79 -7.96 -2.21
C MET A 480 4.52 -8.53 -3.60
N ARG A 481 3.68 -9.56 -3.71
CA ARG A 481 3.43 -10.19 -5.00
C ARG A 481 2.98 -9.22 -6.08
N PRO A 482 2.06 -8.27 -5.85
CA PRO A 482 1.70 -7.33 -6.92
C PRO A 482 2.62 -6.13 -7.03
N PHE A 483 3.71 -6.06 -6.27
CA PHE A 483 4.52 -4.85 -6.20
C PHE A 483 6.01 -5.09 -6.43
N PHE A 484 6.43 -6.29 -6.82
CA PHE A 484 7.84 -6.55 -7.03
C PHE A 484 8.37 -5.72 -8.19
N GLY A 485 9.55 -5.12 -7.99
CA GLY A 485 10.12 -4.24 -8.98
C GLY A 485 11.24 -4.86 -9.79
N TYR A 486 11.71 -6.03 -9.37
CA TYR A 486 12.78 -6.72 -10.07
C TYR A 486 12.68 -8.21 -9.75
N ASN A 487 13.71 -8.96 -10.14
CA ASN A 487 13.73 -10.41 -10.00
C ASN A 487 13.51 -10.81 -8.53
N PHE A 488 12.56 -11.71 -8.31
CA PHE A 488 12.22 -12.10 -6.94
C PHE A 488 13.30 -12.98 -6.33
N GLY A 489 13.98 -13.79 -7.13
CA GLY A 489 15.12 -14.53 -6.61
C GLY A 489 16.22 -13.61 -6.11
N LYS A 490 16.46 -12.51 -6.83
CA LYS A 490 17.41 -11.51 -6.34
C LYS A 490 16.85 -10.74 -5.16
N TYR A 491 15.51 -10.67 -5.06
CA TYR A 491 14.88 -10.06 -3.87
C TYR A 491 15.20 -10.88 -2.63
N LEU A 492 15.04 -12.20 -2.71
CA LEU A 492 15.35 -13.06 -1.58
C LEU A 492 16.83 -13.00 -1.22
N ALA A 493 17.70 -13.03 -2.22
CA ALA A 493 19.14 -12.94 -1.97
C ALA A 493 19.51 -11.60 -1.35
N HIS A 494 18.76 -10.54 -1.67
CA HIS A 494 18.99 -9.25 -1.03
C HIS A 494 18.61 -9.29 0.44
N TRP A 495 17.52 -9.97 0.78
CA TRP A 495 17.12 -10.10 2.17
C TRP A 495 18.09 -10.97 2.95
N LEU A 496 18.54 -12.08 2.35
CA LEU A 496 19.48 -12.97 3.03
C LEU A 496 20.83 -12.31 3.23
N SER A 497 21.22 -11.39 2.34
CA SER A 497 22.51 -10.74 2.44
C SER A 497 22.60 -9.80 3.63
N MET A 498 21.47 -9.44 4.25
N MET A 498 21.46 -9.45 4.24
CA MET A 498 21.49 -8.56 5.41
CA MET A 498 21.48 -8.57 5.41
C MET A 498 22.13 -9.22 6.62
C MET A 498 22.21 -9.22 6.58
N ALA A 499 22.21 -10.55 6.65
CA ALA A 499 22.89 -11.26 7.73
C ALA A 499 24.41 -11.27 7.57
N HIS A 500 24.92 -10.80 6.42
CA HIS A 500 26.36 -10.74 6.19
C HIS A 500 26.97 -9.40 6.57
N ARG A 501 26.15 -8.43 6.93
CA ARG A 501 26.67 -7.09 7.22
C ARG A 501 27.31 -7.04 8.60
N PRO A 502 28.41 -6.32 8.76
CA PRO A 502 29.06 -6.23 10.08
C PRO A 502 28.23 -5.39 11.05
N ALA A 503 28.28 -5.80 12.32
CA ALA A 503 27.59 -5.12 13.42
C ALA A 503 26.09 -4.98 13.17
N ALA A 504 25.52 -5.86 12.36
CA ALA A 504 24.10 -5.78 12.06
C ALA A 504 23.28 -6.27 13.24
N LYS A 505 22.20 -5.53 13.55
CA LYS A 505 21.29 -5.88 14.63
C LYS A 505 19.98 -6.36 13.98
N LEU A 506 19.97 -7.63 13.60
CA LEU A 506 18.83 -8.20 12.89
C LEU A 506 17.62 -8.26 13.81
N PRO A 507 16.44 -7.84 13.36
CA PRO A 507 15.24 -7.96 14.19
C PRO A 507 14.73 -9.40 14.20
N LYS A 508 13.86 -9.67 15.16
CA LYS A 508 13.18 -10.96 15.21
C LYS A 508 12.05 -10.99 14.18
N ILE A 509 11.72 -12.18 13.72
CA ILE A 509 10.71 -12.39 12.68
C ILE A 509 9.62 -13.27 13.24
N PHE A 510 8.39 -12.77 13.21
CA PHE A 510 7.22 -13.49 13.70
C PHE A 510 6.22 -13.70 12.56
N HIS A 511 5.36 -14.70 12.73
CA HIS A 511 4.25 -14.93 11.81
C HIS A 511 2.97 -15.07 12.63
N VAL A 512 1.94 -14.34 12.21
CA VAL A 512 0.67 -14.31 12.93
C VAL A 512 -0.45 -14.76 12.01
N ASN A 513 -1.61 -15.04 12.62
CA ASN A 513 -2.80 -15.43 11.88
C ASN A 513 -4.01 -15.09 12.75
N TRP A 514 -4.65 -13.95 12.48
CA TRP A 514 -5.85 -13.57 13.20
C TRP A 514 -7.10 -14.26 12.69
N PHE A 515 -7.00 -15.05 11.61
CA PHE A 515 -8.16 -15.47 10.85
C PHE A 515 -8.40 -16.98 10.90
N ARG A 516 -7.82 -17.67 11.88
CA ARG A 516 -8.05 -19.10 12.00
C ARG A 516 -9.45 -19.37 12.52
N LYS A 517 -10.19 -20.22 11.81
CA LYS A 517 -11.57 -20.55 12.15
C LYS A 517 -11.65 -21.98 12.70
N ASP A 518 -12.78 -22.26 13.35
CA ASP A 518 -13.04 -23.59 13.88
C ASP A 518 -13.81 -24.41 12.85
N LYS A 519 -14.51 -25.44 13.28
CA LYS A 519 -15.32 -26.25 12.37
C LYS A 519 -16.67 -25.59 12.06
N ASN A 520 -17.03 -24.52 12.76
CA ASN A 520 -18.28 -23.83 12.54
C ASN A 520 -18.16 -22.62 11.62
N GLY A 521 -16.96 -22.34 11.12
CA GLY A 521 -16.74 -21.13 10.35
C GLY A 521 -16.65 -19.87 11.17
N LYS A 522 -16.53 -19.98 12.49
CA LYS A 522 -16.44 -18.84 13.38
C LYS A 522 -14.98 -18.58 13.76
N PHE A 523 -14.62 -17.31 13.85
CA PHE A 523 -13.27 -16.95 14.23
C PHE A 523 -12.95 -17.40 15.65
N LEU A 524 -11.78 -18.01 15.83
CA LEU A 524 -11.36 -18.48 17.14
C LEU A 524 -10.74 -17.37 17.98
N TRP A 525 -10.24 -16.31 17.36
CA TRP A 525 -9.57 -15.22 18.04
C TRP A 525 -10.35 -13.93 17.84
N PRO A 526 -10.62 -13.17 18.91
CA PRO A 526 -11.40 -11.93 18.73
C PRO A 526 -10.69 -10.89 17.88
N GLY A 527 -9.38 -10.75 18.02
CA GLY A 527 -8.63 -9.85 17.18
C GLY A 527 -8.83 -8.38 17.55
N PHE A 528 -8.38 -7.52 16.62
CA PHE A 528 -8.45 -6.06 16.75
C PHE A 528 -7.69 -5.66 18.01
N GLY A 529 -8.32 -5.00 18.99
CA GLY A 529 -7.59 -4.55 20.17
C GLY A 529 -7.04 -5.70 21.00
N GLU A 530 -7.67 -6.88 20.92
CA GLU A 530 -7.18 -8.03 21.66
C GLU A 530 -5.86 -8.56 21.11
N ASN A 531 -5.45 -8.14 19.91
CA ASN A 531 -4.15 -8.53 19.38
C ASN A 531 -3.00 -7.94 20.17
N SER A 532 -3.26 -6.99 21.08
CA SER A 532 -2.22 -6.48 21.95
C SER A 532 -1.66 -7.57 22.86
N ARG A 533 -2.46 -8.60 23.13
CA ARG A 533 -1.95 -9.74 23.89
C ARG A 533 -0.88 -10.50 23.12
N VAL A 534 -1.01 -10.57 21.79
CA VAL A 534 0.01 -11.20 20.98
C VAL A 534 1.26 -10.33 20.90
N LEU A 535 1.06 -9.01 20.75
CA LEU A 535 2.19 -8.10 20.71
C LEU A 535 2.93 -8.06 22.05
N GLU A 536 2.24 -8.38 23.15
CA GLU A 536 2.91 -8.44 24.45
C GLU A 536 3.94 -9.57 24.48
N TRP A 537 3.59 -10.73 23.91
CA TRP A 537 4.54 -11.85 23.90
C TRP A 537 5.73 -11.54 22.99
N MET A 538 5.50 -10.86 21.87
CA MET A 538 6.60 -10.44 21.01
C MET A 538 7.54 -9.50 21.74
N PHE A 539 6.98 -8.56 22.51
CA PHE A 539 7.80 -7.61 23.25
C PHE A 539 8.74 -8.33 24.20
N GLY A 540 8.24 -9.35 24.91
CA GLY A 540 9.09 -10.09 25.84
C GLY A 540 10.13 -10.93 25.13
N ARG A 541 9.78 -11.50 23.98
CA ARG A 541 10.73 -12.30 23.23
C ARG A 541 11.91 -11.45 22.73
N ILE A 542 11.62 -10.23 22.31
CA ILE A 542 12.70 -9.32 21.88
C ILE A 542 13.60 -8.97 23.05
N GLU A 543 13.03 -8.84 24.25
CA GLU A 543 13.86 -8.58 25.44
C GLU A 543 14.62 -9.82 25.89
N GLY A 544 14.21 -11.00 25.45
CA GLY A 544 14.88 -12.22 25.81
C GLY A 544 14.23 -13.03 26.92
N GLU A 545 12.93 -12.87 27.14
CA GLU A 545 12.25 -13.64 28.16
C GLU A 545 12.13 -15.10 27.74
N ASP A 546 12.17 -16.00 28.73
CA ASP A 546 12.11 -17.44 28.48
C ASP A 546 10.64 -17.87 28.52
N SER A 547 9.93 -17.58 27.43
CA SER A 547 8.51 -17.84 27.33
C SER A 547 8.15 -18.50 26.00
N ALA A 548 9.10 -19.22 25.40
CA ALA A 548 8.90 -19.84 24.11
C ALA A 548 9.03 -21.35 24.21
N LYS A 549 8.35 -22.05 23.30
CA LYS A 549 8.37 -23.51 23.23
C LYS A 549 8.71 -23.91 21.80
N LEU A 550 9.63 -24.87 21.67
CA LEU A 550 10.11 -25.27 20.35
C LEU A 550 9.14 -26.25 19.69
N THR A 551 8.81 -25.96 18.44
CA THR A 551 7.91 -26.77 17.62
C THR A 551 8.58 -27.07 16.30
N PRO A 552 8.04 -28.03 15.51
CA PRO A 552 8.63 -28.28 14.19
C PRO A 552 8.56 -27.09 13.24
N ILE A 553 7.76 -26.08 13.53
CA ILE A 553 7.63 -24.92 12.65
C ILE A 553 8.26 -23.66 13.22
N GLY A 554 8.59 -23.64 14.51
CA GLY A 554 9.20 -22.47 15.11
C GLY A 554 8.85 -22.41 16.59
N TYR A 555 9.12 -21.25 17.18
CA TYR A 555 8.87 -21.01 18.60
C TYR A 555 7.45 -20.51 18.79
N VAL A 556 6.71 -21.18 19.67
CA VAL A 556 5.35 -20.75 20.03
C VAL A 556 5.37 -20.41 21.51
N PRO A 557 4.42 -19.59 21.97
CA PRO A 557 4.37 -19.26 23.40
C PRO A 557 4.15 -20.48 24.26
N LYS A 558 4.73 -20.46 25.46
CA LYS A 558 4.58 -21.55 26.40
C LYS A 558 3.15 -21.62 26.92
N GLU A 559 2.88 -22.66 27.71
CA GLU A 559 1.63 -22.73 28.45
C GLU A 559 1.59 -21.59 29.47
N ASP A 560 0.46 -20.88 29.51
CA ASP A 560 0.25 -19.74 30.40
C ASP A 560 1.25 -18.61 30.15
N ALA A 561 1.80 -18.53 28.94
CA ALA A 561 2.70 -17.44 28.59
C ALA A 561 1.98 -16.25 27.97
N LEU A 562 0.73 -16.43 27.55
CA LEU A 562 -0.07 -15.35 26.97
C LEU A 562 -1.09 -14.85 28.00
N ASN A 563 -1.21 -13.52 28.09
CA ASN A 563 -2.22 -12.93 28.94
C ASN A 563 -3.60 -13.09 28.32
N LEU A 564 -4.30 -14.18 28.68
CA LEU A 564 -5.63 -14.45 28.18
C LEU A 564 -6.72 -14.10 29.18
N LYS A 565 -6.40 -13.26 30.17
CA LYS A 565 -7.37 -12.89 31.19
C LYS A 565 -8.42 -11.96 30.59
N GLY A 566 -9.69 -12.26 30.84
CA GLY A 566 -10.80 -11.59 30.23
C GLY A 566 -11.39 -12.34 29.03
N LEU A 567 -10.56 -13.11 28.34
CA LEU A 567 -11.02 -13.96 27.25
C LEU A 567 -10.93 -15.42 27.66
N GLY A 568 -11.62 -15.79 28.74
CA GLY A 568 -11.52 -17.14 29.28
C GLY A 568 -12.11 -18.22 28.40
N ASP A 569 -12.77 -17.85 27.30
CA ASP A 569 -13.42 -18.82 26.42
C ASP A 569 -12.56 -19.22 25.23
N VAL A 570 -11.34 -18.72 25.13
CA VAL A 570 -10.50 -19.00 23.98
C VAL A 570 -10.03 -20.46 24.01
N ASN A 571 -10.09 -21.11 22.86
CA ASN A 571 -9.67 -22.51 22.75
C ASN A 571 -8.18 -22.53 22.39
N VAL A 572 -7.35 -22.67 23.42
CA VAL A 572 -5.90 -22.63 23.21
C VAL A 572 -5.43 -23.84 22.40
N GLU A 573 -6.11 -24.99 22.55
CA GLU A 573 -5.71 -26.18 21.82
C GLU A 573 -5.87 -25.98 20.31
N GLU A 574 -6.97 -25.36 19.88
CA GLU A 574 -7.20 -25.14 18.47
C GLU A 574 -6.49 -23.90 17.95
N LEU A 575 -6.13 -22.97 18.82
CA LEU A 575 -5.39 -21.79 18.37
C LEU A 575 -3.94 -22.11 18.04
N PHE A 576 -3.37 -23.13 18.69
CA PHE A 576 -1.98 -23.50 18.47
C PHE A 576 -1.82 -24.95 18.02
N GLY A 577 -2.90 -25.61 17.63
CA GLY A 577 -2.82 -26.98 17.15
C GLY A 577 -2.01 -27.11 15.88
N ILE A 578 -1.03 -28.01 15.88
CA ILE A 578 -0.15 -28.24 14.75
C ILE A 578 -0.44 -29.64 14.23
N SER A 579 -1.17 -29.73 13.13
CA SER A 579 -1.51 -31.01 12.53
C SER A 579 -0.44 -31.39 11.51
N LYS A 580 0.10 -32.61 11.65
CA LYS A 580 1.10 -33.09 10.70
C LYS A 580 0.48 -33.28 9.31
N GLU A 581 -0.77 -33.71 9.26
CA GLU A 581 -1.43 -33.92 7.97
C GLU A 581 -1.59 -32.61 7.20
N PHE A 582 -1.85 -31.52 7.92
CA PHE A 582 -1.96 -30.22 7.26
C PHE A 582 -0.60 -29.74 6.76
N TRP A 583 0.43 -29.89 7.58
CA TRP A 583 1.74 -29.34 7.23
C TRP A 583 2.52 -30.20 6.23
N GLU A 584 2.10 -31.45 6.02
CA GLU A 584 2.68 -32.23 4.94
C GLU A 584 2.20 -31.73 3.59
N LYS A 585 0.92 -31.35 3.50
CA LYS A 585 0.39 -30.76 2.28
C LYS A 585 0.88 -29.33 2.10
N GLU A 586 1.07 -28.60 3.20
CA GLU A 586 1.49 -27.20 3.10
C GLU A 586 2.89 -27.08 2.50
N VAL A 587 3.83 -27.90 2.97
CA VAL A 587 5.19 -27.84 2.45
C VAL A 587 5.24 -28.32 1.01
N GLU A 588 4.32 -29.21 0.62
CA GLU A 588 4.26 -29.64 -0.77
C GLU A 588 3.86 -28.49 -1.68
N GLU A 589 2.93 -27.65 -1.22
CA GLU A 589 2.52 -26.50 -2.02
C GLU A 589 3.61 -25.44 -2.08
N ILE A 590 4.39 -25.29 -1.01
CA ILE A 590 5.50 -24.34 -1.02
C ILE A 590 6.62 -24.85 -1.94
N ASP A 591 6.88 -26.15 -1.92
CA ASP A 591 7.92 -26.72 -2.77
C ASP A 591 7.56 -26.56 -4.24
N LYS A 592 6.32 -26.87 -4.61
CA LYS A 592 5.90 -26.74 -6.00
C LYS A 592 5.89 -25.28 -6.45
N TYR A 593 5.58 -24.35 -5.54
CA TYR A 593 5.53 -22.94 -5.91
C TYR A 593 6.92 -22.37 -6.12
N LEU A 594 7.82 -22.60 -5.15
CA LEU A 594 9.17 -22.05 -5.25
C LEU A 594 9.97 -22.68 -6.38
N GLU A 595 9.72 -23.96 -6.66
CA GLU A 595 10.47 -24.65 -7.72
C GLU A 595 10.10 -24.11 -9.10
N ASP A 596 8.84 -23.76 -9.29
CA ASP A 596 8.36 -23.32 -10.60
C ASP A 596 8.55 -21.82 -10.81
N GLN A 597 8.30 -21.01 -9.79
CA GLN A 597 8.29 -19.56 -9.96
C GLN A 597 9.68 -18.94 -9.84
N VAL A 598 10.52 -19.46 -8.96
CA VAL A 598 11.86 -18.92 -8.76
C VAL A 598 12.90 -19.69 -9.57
N ASN A 599 12.81 -21.01 -9.57
CA ASN A 599 13.59 -21.90 -10.45
C ASN A 599 15.08 -21.68 -10.18
N ALA A 600 15.89 -21.34 -11.18
CA ALA A 600 17.34 -21.28 -11.01
C ALA A 600 17.80 -20.06 -10.21
N ASP A 601 16.94 -19.08 -9.97
CA ASP A 601 17.30 -17.91 -9.19
C ASP A 601 16.99 -18.07 -7.71
N LEU A 602 16.53 -19.25 -7.29
CA LEU A 602 16.24 -19.48 -5.88
C LEU A 602 17.53 -19.62 -5.10
N PRO A 603 17.77 -18.80 -4.08
CA PRO A 603 18.98 -18.97 -3.26
C PRO A 603 18.97 -20.32 -2.56
N TYR A 604 20.17 -20.90 -2.43
CA TYR A 604 20.27 -22.22 -1.81
C TYR A 604 19.84 -22.21 -0.35
N GLU A 605 20.07 -21.10 0.36
CA GLU A 605 19.67 -21.02 1.76
C GLU A 605 18.16 -21.16 1.93
N ILE A 606 17.39 -20.70 0.94
CA ILE A 606 15.94 -20.88 1.01
C ILE A 606 15.57 -22.35 0.78
N GLU A 607 16.25 -23.01 -0.16
CA GLU A 607 16.00 -24.43 -0.39
C GLU A 607 16.41 -25.27 0.82
N ARG A 608 17.46 -24.85 1.53
CA ARG A 608 17.89 -25.59 2.72
C ARG A 608 16.85 -25.50 3.82
N GLU A 609 16.20 -24.34 3.98
CA GLU A 609 15.15 -24.21 4.98
C GLU A 609 13.93 -25.05 4.61
N LEU A 610 13.59 -25.10 3.33
CA LEU A 610 12.51 -25.97 2.87
C LEU A 610 12.81 -27.43 3.19
N ARG A 611 14.06 -27.85 2.98
CA ARG A 611 14.45 -29.21 3.33
C ARG A 611 14.36 -29.44 4.83
N ALA A 612 14.81 -28.47 5.63
CA ALA A 612 14.82 -28.63 7.08
C ALA A 612 13.41 -28.72 7.63
N LEU A 613 12.51 -27.86 7.16
CA LEU A 613 11.13 -27.88 7.65
C LEU A 613 10.45 -29.20 7.32
N LYS A 614 10.62 -29.69 6.09
CA LYS A 614 10.00 -30.95 5.69
C LYS A 614 10.55 -32.11 6.51
N GLN A 615 11.81 -32.03 6.94
CA GLN A 615 12.38 -33.09 7.76
C GLN A 615 11.81 -33.05 9.18
N ARG A 616 11.70 -31.86 9.76
CA ARG A 616 11.14 -31.75 11.12
C ARG A 616 9.67 -32.18 11.15
N ILE A 617 8.95 -31.97 10.05
CA ILE A 617 7.55 -32.39 10.00
C ILE A 617 7.46 -33.90 9.84
N SER A 618 8.39 -34.51 9.09
CA SER A 618 8.37 -35.95 8.91
C SER A 618 8.62 -36.70 10.21
N GLN A 619 9.35 -36.07 11.14
CA GLN A 619 9.67 -36.71 12.41
C GLN A 619 8.54 -36.59 13.43
N MET A 620 7.43 -35.97 13.08
CA MET A 620 6.30 -35.83 13.99
C MET A 620 5.56 -37.15 14.17
MN MN B . -1.31 -1.59 0.69
MN MN C . -4.25 0.11 4.84
MN MN D . -17.84 22.48 -16.76
C1 SPV E . -3.22 -2.07 -1.46
O1 SPV E . -2.53 -2.68 -0.63
O2' SPV E . -3.68 -2.49 -2.54
C2 SPV E . -3.56 -0.59 -1.11
C3 SPV E . -4.61 0.07 -1.96
O2 SPV E . -2.99 -0.03 -0.20
S SPV E . -4.00 0.90 -3.43
O1S SPV E . -5.20 1.21 -4.25
O2S SPV E . -3.12 -0.10 -4.06
O3S SPV E . -3.28 2.10 -2.96
PG GTP F . -4.53 -2.18 2.40
PG GTP F . -4.84 -2.27 2.57
O1G GTP F . -3.03 -2.05 2.25
O1G GTP F . -5.13 -0.96 3.27
O2G GTP F . -5.15 -2.36 1.03
O2G GTP F . -3.39 -2.33 2.14
O3G GTP F . -5.09 -0.93 3.05
O3G GTP F . -5.71 -2.37 1.33
O3B GTP F . -4.83 -3.48 3.31
O3B GTP F . -5.17 -3.52 3.54
PB GTP F . -4.74 -3.45 4.91
PB GTP F . -4.88 -3.50 5.13
O1B GTP F . -3.75 -4.49 5.37
O1B GTP F . -3.95 -4.64 5.47
O2B GTP F . -4.37 -2.09 5.44
O2B GTP F . -4.25 -2.19 5.55
O3A GTP F . -6.22 -3.87 5.41
O3A GTP F . -6.27 -3.70 5.94
PA GTP F . -7.01 -3.06 6.55
PA GTP F . -7.75 -3.37 5.38
O1A GTP F . -6.21 -3.00 7.82
O1A GTP F . -8.32 -2.23 6.21
O2A GTP F . -7.32 -1.66 6.06
O2A GTP F . -7.73 -2.98 3.93
O5' GTP F . -8.37 -3.89 6.77
O5' GTP F . -8.66 -4.67 5.62
C5' GTP F . -8.47 -5.22 6.33
C5' GTP F . -9.77 -4.60 6.51
C4' GTP F . -9.77 -5.84 6.83
C4' GTP F . -10.23 -5.98 6.97
O4' GTP F . -9.45 -6.90 7.73
O4' GTP F . -9.28 -6.58 7.83
C3' GTP F . -10.63 -4.85 7.59
C3' GTP F . -11.52 -5.91 7.77
O3' GTP F . -11.75 -4.47 6.83
O3' GTP F . -12.62 -6.26 6.96
C2' GTP F . -11.06 -5.57 8.85
C2' GTP F . -11.36 -6.92 8.88
O2' GTP F . -12.45 -5.81 8.82
O2' GTP F . -12.30 -7.97 8.75
C1' GTP F . -10.30 -6.89 8.86
C1' GTP F . -9.94 -7.46 8.72
N9 GTP F . -9.46 -6.96 10.07
N9 GTP F . -9.25 -7.49 10.03
C8 GTP F . -8.49 -6.07 10.46
C8 GTP F . -8.29 -6.63 10.47
N7 GTP F . -7.95 -6.50 11.61
N7 GTP F . -7.90 -7.01 11.71
C5 GTP F . -8.56 -7.66 11.98
C5 GTP F . -8.60 -8.10 12.07
C6 GTP F . -8.38 -8.51 13.06
C6 GTP F . -8.59 -8.88 13.21
O6 GTP F . -7.55 -8.24 13.93
O6 GTP F . -7.84 -8.61 14.15
N1 GTP F . -9.15 -9.65 13.17
N1 GTP F . -9.43 -9.98 13.31
C2 GTP F . -10.09 -9.93 12.20
C2 GTP F . -10.27 -10.28 12.26
N2 GTP F . -10.83 -11.03 12.29
N2 GTP F . -11.08 -11.33 12.34
N3 GTP F . -10.26 -9.08 11.12
N3 GTP F . -10.28 -9.50 11.11
C4 GTP F . -9.50 -7.97 11.01
C4 GTP F . -9.45 -8.43 11.02
#